data_1QKC
#
_entry.id   1QKC
#
_cell.length_a   171.800
_cell.length_b   171.800
_cell.length_c   86.350
_cell.angle_alpha   90.00
_cell.angle_beta   90.00
_cell.angle_gamma   120.00
#
_symmetry.space_group_name_H-M   'P 61'
#
loop_
_entity.id
_entity.type
_entity.pdbx_description
1 polymer 'FERRIC HYDROXAMATE RECEPTOR'
2 branched 'alpha-D-glucopyranose-(1-2)-alpha-D-glucopyranose-(1-3)-[alpha-D-galactopyranose-(1-6)]alpha-D-glucopyranose-(1-3)-[L-glycero-alpha-D-manno-heptopyranose-(1-7)]L-glycero-alpha-D-manno-heptopyranose-(1-3)-L-glycero-alpha-D-manno-heptopyranose-(1-5)-[3-deoxy-alpha-D-manno-oct-2-ulopyranosonic acid-(2-4)]3-deoxy-alpha-D-manno-oct-2-ulopyranosonic acid-(2-6)-2-amino-2,3-dideoxy-alpha-D-glucoyranose-(1-6)-2-amino-2-deoxy-alpha-D-glucopyranose'
3 non-polymer '3-HYDROXY-TETRADECANOIC ACID'
4 non-polymer DIPHOSPHATE
5 non-polymer 'PHOSPHATE ION'
6 non-polymer 'NICKEL (II) ION'
7 non-polymer 'DELTA-2-ALBOMYCIN A1'
8 water water
#
_entity_poly.entity_id   1
_entity_poly.type   'polypeptide(L)'
_entity_poly.pdbx_seq_one_letter_code
;AVEPKEDTITVTAAPAPQESAWGPAATIAARQSATGTKTDTPIQKVPQSISVVTAEEMALHQPKSVKEALSYTPGVSVGT
RGASNTYDHLIIRGFAAEGQSQNNYLNGLKLQGNFYNDAVIDPYMLERAEIMRGPVSVLYGKSSPGGLLNMVSKRPTTEP
LKEVQFKAGTDSLFQTGFDFSDSLDDDGVYSYRLTGLARSANAQQKGSEEQRYAIAPAFTWRPDDKTNFTFLSYFQNEPE
TGYYGWLPKEGTVEPLPNGKRLPTDFNEGAKNNTYSRNEKMVGYSFDHEFNDTFTVRQNLRFAENKTSQNSVYGYGVCSD
PANAYSKQCAALAPADKGHYLARKYVVDDEKLQNFSVDTQLQSKFATGDIDHTLLTGVDFMRMRNDINAWFGYDDSVPLL
NLYNPSSHHHHHHGSSVNTDFDFNAKDPANSGPYRILNKQKQTGVYVQDQAQWDKVLVTLGGRYDWADQESLNRVAGTTD
KRDDKQFTWRGGVNYLFDNGVTPYFSYSESFEPSSQVGKDGNIFAPSKGKQYEVGVKYVPEDRPIVVTGAVYNLTKTNNL
MADPEGSFFSVEGGEIRARGVEIEAKAALSASVNVVGSYTYTDAEYTTDTTYKGNTPAQVPKHMASLWADYTFFDGPLSG
LTLGTGGRYTGSSYGDPANSFKVGSYTVVDALVRYDLARVGMAGSNVALHVNNLFDREYVASCFNTYGCFWGAERQVVAT
ATFRF
;
_entity_poly.pdbx_strand_id   A
#
# COMPACT_ATOMS: atom_id res chain seq x y z
N GLU A 19 -25.26 -3.06 7.05
CA GLU A 19 -23.88 -2.67 6.58
C GLU A 19 -23.74 -2.82 5.05
N SER A 20 -23.14 -1.79 4.41
CA SER A 20 -22.91 -1.76 2.94
C SER A 20 -21.42 -1.78 2.61
N ALA A 21 -21.05 -2.65 1.67
CA ALA A 21 -19.67 -2.78 1.28
C ALA A 21 -19.06 -1.39 0.99
N TRP A 22 -19.90 -0.45 0.54
CA TRP A 22 -19.46 0.92 0.19
C TRP A 22 -19.66 1.97 1.29
N GLY A 23 -19.93 1.52 2.51
CA GLY A 23 -20.16 2.43 3.62
C GLY A 23 -19.48 2.00 4.89
N PRO A 24 -19.80 2.64 6.04
CA PRO A 24 -19.24 2.36 7.38
C PRO A 24 -19.31 0.88 7.81
N ALA A 25 -19.45 0.61 9.12
CA ALA A 25 -19.56 -0.79 9.58
C ALA A 25 -19.92 -1.02 11.05
N ALA A 26 -20.18 0.07 11.76
CA ALA A 26 -20.54 0.01 13.18
C ALA A 26 -19.31 -0.25 14.05
N THR A 27 -18.82 -1.49 14.02
CA THR A 27 -17.66 -1.83 14.81
C THR A 27 -16.55 -2.01 13.80
N ILE A 28 -15.31 -2.11 14.28
CA ILE A 28 -14.15 -2.36 13.42
C ILE A 28 -14.23 -3.78 12.79
N ALA A 29 -15.41 -4.38 12.94
CA ALA A 29 -15.74 -5.71 12.40
C ALA A 29 -16.80 -5.53 11.29
N ALA A 30 -16.31 -5.46 10.05
CA ALA A 30 -17.16 -5.27 8.91
C ALA A 30 -17.56 -6.60 8.38
N ARG A 31 -18.87 -6.81 8.28
CA ARG A 31 -19.41 -8.07 7.80
C ARG A 31 -19.49 -8.11 6.31
N GLN A 32 -19.73 -6.94 5.74
CA GLN A 32 -19.89 -6.81 4.31
C GLN A 32 -18.75 -6.12 3.52
N SER A 33 -18.29 -6.77 2.44
CA SER A 33 -17.26 -6.25 1.57
C SER A 33 -17.54 -6.64 0.11
N ALA A 34 -17.27 -5.72 -0.80
CA ALA A 34 -17.47 -5.95 -2.21
C ALA A 34 -16.17 -6.18 -2.96
N THR A 35 -15.05 -5.87 -2.34
CA THR A 35 -13.73 -6.03 -2.98
C THR A 35 -13.31 -7.43 -3.27
N GLY A 36 -14.22 -8.40 -3.11
CA GLY A 36 -13.86 -9.80 -3.34
C GLY A 36 -14.61 -10.47 -4.47
N THR A 37 -15.88 -10.12 -4.63
CA THR A 37 -16.73 -10.71 -5.63
C THR A 37 -17.43 -9.69 -6.42
N LYS A 38 -17.10 -8.46 -6.14
CA LYS A 38 -17.63 -7.32 -6.85
C LYS A 38 -19.07 -7.12 -6.49
N THR A 39 -19.57 -7.95 -5.59
CA THR A 39 -20.96 -7.80 -5.26
C THR A 39 -20.96 -7.75 -3.75
N ASP A 40 -21.83 -6.91 -3.17
CA ASP A 40 -21.93 -6.77 -1.73
C ASP A 40 -22.24 -8.13 -1.11
N THR A 41 -21.37 -8.68 -0.26
CA THR A 41 -21.56 -10.01 0.35
C THR A 41 -20.92 -10.23 1.70
N PRO A 42 -21.51 -11.08 2.56
CA PRO A 42 -20.89 -11.32 3.87
C PRO A 42 -19.47 -11.85 3.70
N ILE A 43 -18.56 -11.36 4.54
CA ILE A 43 -17.20 -11.80 4.40
C ILE A 43 -17.08 -13.28 4.58
N GLN A 44 -18.04 -13.87 5.28
CA GLN A 44 -17.97 -15.31 5.53
C GLN A 44 -18.34 -16.02 4.24
N LYS A 45 -19.22 -15.41 3.47
CA LYS A 45 -19.64 -16.04 2.23
C LYS A 45 -18.59 -15.77 1.15
N VAL A 46 -17.52 -15.10 1.54
CA VAL A 46 -16.50 -14.80 0.53
C VAL A 46 -15.36 -15.79 0.67
N PRO A 47 -15.11 -16.56 -0.40
CA PRO A 47 -14.11 -17.60 -0.57
C PRO A 47 -12.67 -17.22 -0.62
N GLN A 48 -12.35 -15.97 -0.30
CA GLN A 48 -10.93 -15.57 -0.32
C GLN A 48 -10.54 -14.74 0.88
N SER A 49 -9.24 -14.62 1.13
CA SER A 49 -8.78 -13.86 2.30
C SER A 49 -8.97 -12.33 2.22
N ILE A 50 -10.04 -11.77 2.81
CA ILE A 50 -10.24 -10.34 2.78
C ILE A 50 -10.18 -9.82 4.20
N SER A 51 -9.57 -8.64 4.32
CA SER A 51 -9.40 -7.90 5.57
C SER A 51 -9.95 -6.50 5.37
N VAL A 52 -10.65 -5.97 6.38
CA VAL A 52 -11.14 -4.61 6.24
C VAL A 52 -10.78 -3.71 7.46
N VAL A 53 -10.14 -2.58 7.16
CA VAL A 53 -9.72 -1.62 8.16
C VAL A 53 -10.75 -0.55 8.06
N THR A 54 -11.44 -0.34 9.17
CA THR A 54 -12.53 0.61 9.30
C THR A 54 -12.05 2.03 9.39
N ALA A 55 -12.97 2.97 9.20
CA ALA A 55 -12.62 4.39 9.32
C ALA A 55 -12.38 4.58 10.81
N GLU A 56 -13.06 3.74 11.61
CA GLU A 56 -12.97 3.76 13.05
C GLU A 56 -11.55 3.32 13.46
N GLU A 57 -11.16 2.13 13.00
CA GLU A 57 -9.84 1.62 13.35
C GLU A 57 -8.74 2.65 13.03
N MET A 58 -8.94 3.38 11.92
CA MET A 58 -8.00 4.41 11.46
C MET A 58 -8.02 5.66 12.34
N ALA A 59 -9.22 6.12 12.66
CA ALA A 59 -9.37 7.28 13.56
C ALA A 59 -8.97 6.88 15.02
N LEU A 60 -8.17 5.81 15.14
CA LEU A 60 -7.68 5.32 16.42
C LEU A 60 -6.17 5.47 16.49
N HIS A 61 -5.51 5.32 15.35
CA HIS A 61 -4.05 5.45 15.34
C HIS A 61 -3.63 6.70 14.60
N GLN A 62 -4.59 7.34 13.94
CA GLN A 62 -4.29 8.54 13.15
C GLN A 62 -3.14 8.23 12.17
N PRO A 63 -3.33 7.21 11.31
CA PRO A 63 -2.30 6.82 10.35
C PRO A 63 -1.89 7.97 9.53
N LYS A 64 -0.68 7.89 8.99
CA LYS A 64 -0.17 8.96 8.17
C LYS A 64 -0.50 8.59 6.76
N SER A 65 -0.47 7.29 6.51
CA SER A 65 -0.81 6.78 5.20
C SER A 65 -1.67 5.52 5.30
N VAL A 66 -2.33 5.18 4.18
CA VAL A 66 -3.14 3.97 4.09
C VAL A 66 -2.16 2.87 4.44
N LYS A 67 -0.88 3.10 4.16
CA LYS A 67 0.18 2.12 4.42
C LYS A 67 0.16 1.82 5.90
N GLU A 68 0.61 2.79 6.68
CA GLU A 68 0.64 2.66 8.13
C GLU A 68 -0.64 2.13 8.74
N ALA A 69 -1.77 2.43 8.10
CA ALA A 69 -3.08 2.03 8.57
C ALA A 69 -3.20 0.52 8.54
N LEU A 70 -2.14 -0.10 8.06
CA LEU A 70 -2.10 -1.57 7.93
C LEU A 70 -0.90 -2.20 8.68
N SER A 71 -1.08 -2.40 9.99
CA SER A 71 -0.03 -2.99 10.78
C SER A 71 -0.66 -4.13 11.53
N TYR A 72 -1.97 -4.09 11.70
CA TYR A 72 -2.67 -5.14 12.41
C TYR A 72 -3.34 -6.01 11.37
N THR A 73 -2.77 -5.97 10.19
CA THR A 73 -3.32 -6.73 9.09
C THR A 73 -2.35 -7.83 8.67
N PRO A 74 -2.76 -9.06 8.89
CA PRO A 74 -1.89 -10.19 8.53
C PRO A 74 -1.49 -10.28 7.07
N GLY A 75 -0.25 -10.62 6.84
CA GLY A 75 0.12 -10.83 5.47
C GLY A 75 0.58 -9.59 4.77
N VAL A 76 0.83 -8.52 5.53
CA VAL A 76 1.28 -7.31 4.90
C VAL A 76 2.45 -6.64 5.65
N SER A 77 3.48 -6.27 4.90
CA SER A 77 4.58 -5.56 5.49
C SER A 77 4.30 -4.15 5.11
N VAL A 78 4.95 -3.21 5.76
CA VAL A 78 4.74 -1.81 5.44
C VAL A 78 6.00 -1.02 5.66
N GLY A 79 7.03 -1.69 6.15
CA GLY A 79 8.30 -1.04 6.43
C GLY A 79 9.25 -1.28 5.28
N THR A 80 8.70 -1.68 4.16
CA THR A 80 9.56 -1.88 3.03
C THR A 80 10.29 -0.59 2.62
N ARG A 81 10.13 0.44 3.43
CA ARG A 81 10.80 1.72 3.19
C ARG A 81 10.97 2.48 4.49
N GLY A 82 10.97 1.74 5.58
CA GLY A 82 11.17 2.32 6.88
C GLY A 82 10.27 3.46 7.12
N ALA A 83 10.76 4.52 7.72
CA ALA A 83 9.94 5.63 8.07
C ALA A 83 9.44 6.51 6.94
N SER A 84 9.83 6.21 5.72
CA SER A 84 9.40 7.03 4.58
C SER A 84 8.00 6.74 4.12
N ASN A 85 7.29 7.78 3.72
CA ASN A 85 5.91 7.60 3.25
C ASN A 85 5.61 8.01 1.83
N THR A 86 6.62 8.30 1.04
CA THR A 86 6.36 8.69 -0.32
C THR A 86 5.44 7.80 -1.01
N TYR A 87 5.52 6.50 -0.80
CA TYR A 87 4.61 5.62 -1.49
C TYR A 87 3.94 4.57 -0.60
N ASP A 88 2.71 4.19 -0.94
CA ASP A 88 1.98 3.22 -0.21
C ASP A 88 2.31 1.95 -0.91
N HIS A 89 3.61 1.69 -1.02
CA HIS A 89 4.08 0.46 -1.63
C HIS A 89 4.04 -0.62 -0.56
N LEU A 90 3.31 -1.67 -0.82
CA LEU A 90 3.19 -2.77 0.13
C LEU A 90 3.73 -4.12 -0.38
N ILE A 91 4.12 -5.01 0.55
CA ILE A 91 4.51 -6.36 0.17
C ILE A 91 3.50 -7.34 0.81
N ILE A 92 2.52 -7.76 0.01
CA ILE A 92 1.46 -8.67 0.42
C ILE A 92 1.76 -10.17 0.17
N ARG A 93 1.77 -11.00 1.21
CA ARG A 93 2.05 -12.39 0.96
C ARG A 93 3.44 -12.61 0.33
N GLY A 94 4.38 -11.73 0.63
CA GLY A 94 5.73 -11.86 0.07
C GLY A 94 5.92 -11.46 -1.40
N PHE A 95 4.88 -10.91 -1.99
CA PHE A 95 4.93 -10.48 -3.36
C PHE A 95 4.57 -9.01 -3.54
N ALA A 96 5.00 -8.41 -4.66
CA ALA A 96 4.67 -7.03 -4.96
C ALA A 96 4.87 -6.76 -6.46
N ALA A 97 4.33 -5.64 -6.93
CA ALA A 97 4.44 -5.29 -8.32
C ALA A 97 5.93 -5.23 -8.72
N GLU A 98 6.19 -5.42 -10.02
CA GLU A 98 7.54 -5.37 -10.57
C GLU A 98 8.02 -3.93 -10.66
N GLY A 99 9.31 -3.75 -10.40
CA GLY A 99 9.89 -2.42 -10.46
C GLY A 99 9.46 -1.39 -9.42
N GLN A 100 9.28 -1.83 -8.19
CA GLN A 100 8.84 -0.96 -7.12
C GLN A 100 7.64 -0.09 -7.37
N SER A 101 6.73 -0.52 -8.24
CA SER A 101 5.52 0.29 -8.46
C SER A 101 4.48 -0.20 -7.47
N GLN A 102 3.42 0.55 -7.26
CA GLN A 102 2.36 0.05 -6.36
C GLN A 102 1.38 -0.93 -7.10
N ASN A 103 0.24 -1.17 -6.43
CA ASN A 103 -0.84 -2.04 -6.90
C ASN A 103 -1.92 -1.68 -5.96
N ASN A 104 -2.27 -0.41 -6.05
CA ASN A 104 -3.31 0.14 -5.25
C ASN A 104 -4.52 0.48 -6.12
N TYR A 105 -5.74 0.18 -5.58
CA TYR A 105 -7.06 0.45 -6.20
C TYR A 105 -7.89 1.39 -5.33
N LEU A 106 -8.68 2.22 -5.97
CA LEU A 106 -9.56 3.18 -5.32
C LEU A 106 -10.96 3.04 -5.99
N ASN A 107 -11.86 2.39 -5.26
CA ASN A 107 -13.23 2.13 -5.74
C ASN A 107 -13.26 1.15 -6.95
N GLY A 108 -12.77 -0.06 -6.80
CA GLY A 108 -12.83 -1.00 -7.88
C GLY A 108 -12.16 -0.63 -9.15
N LEU A 109 -11.35 0.43 -9.09
CA LEU A 109 -10.64 0.88 -10.30
C LEU A 109 -9.24 1.01 -9.92
N LYS A 110 -8.30 0.64 -10.78
CA LYS A 110 -6.91 0.73 -10.33
C LYS A 110 -6.24 2.06 -10.61
N LEU A 111 -5.44 2.49 -9.64
CA LEU A 111 -4.66 3.73 -9.68
C LEU A 111 -3.36 3.32 -10.35
N GLN A 112 -3.43 3.05 -11.65
CA GLN A 112 -2.24 2.61 -12.37
C GLN A 112 -1.26 3.75 -12.51
N GLY A 113 -0.04 3.52 -12.06
CA GLY A 113 1.00 4.53 -12.12
C GLY A 113 2.14 3.88 -12.88
N ASN A 114 3.33 4.48 -12.80
CA ASN A 114 4.47 3.96 -13.52
C ASN A 114 5.68 4.82 -13.17
N PHE A 115 6.83 4.14 -12.95
CA PHE A 115 8.09 4.77 -12.55
C PHE A 115 7.86 5.58 -11.27
N TYR A 116 8.53 6.69 -11.06
CA TYR A 116 8.24 7.42 -9.84
C TYR A 116 6.85 8.05 -9.83
N ASN A 117 5.94 7.57 -10.66
CA ASN A 117 4.64 8.17 -10.75
C ASN A 117 3.54 7.28 -10.26
N ASP A 118 3.43 7.20 -8.93
CA ASP A 118 2.40 6.41 -8.21
C ASP A 118 1.68 7.38 -7.30
N ALA A 119 0.37 7.31 -7.24
CA ALA A 119 -0.45 8.23 -6.44
C ALA A 119 -0.77 7.60 -5.11
N VAL A 120 -1.20 8.42 -4.17
CA VAL A 120 -1.61 7.89 -2.87
C VAL A 120 -2.79 8.72 -2.38
N ILE A 121 -3.68 8.13 -1.61
CA ILE A 121 -4.84 8.91 -1.15
C ILE A 121 -4.69 8.99 0.35
N ASP A 122 -4.97 10.16 0.94
CA ASP A 122 -4.83 10.31 2.40
C ASP A 122 -5.88 9.47 3.17
N PRO A 123 -5.54 8.83 4.31
CA PRO A 123 -6.51 8.02 5.06
C PRO A 123 -7.75 8.81 5.53
N TYR A 124 -7.58 10.10 5.73
CA TYR A 124 -8.69 10.90 6.18
C TYR A 124 -9.75 11.12 5.12
N MET A 125 -9.51 10.66 3.91
CA MET A 125 -10.53 10.85 2.89
C MET A 125 -11.08 9.48 2.58
N LEU A 126 -10.58 8.50 3.30
CA LEU A 126 -11.04 7.15 3.09
C LEU A 126 -12.15 6.71 4.04
N GLU A 127 -13.07 5.88 3.54
CA GLU A 127 -14.17 5.36 4.35
C GLU A 127 -13.64 4.07 4.96
N ARG A 128 -12.91 3.31 4.19
CA ARG A 128 -12.33 2.07 4.72
C ARG A 128 -11.23 1.66 3.80
N ALA A 129 -10.27 0.92 4.29
CA ALA A 129 -9.19 0.49 3.41
C ALA A 129 -9.26 -1.02 3.37
N GLU A 130 -9.37 -1.60 2.18
CA GLU A 130 -9.50 -3.05 2.11
C GLU A 130 -8.32 -3.70 1.44
N ILE A 131 -7.97 -4.92 1.86
CA ILE A 131 -6.85 -5.67 1.28
C ILE A 131 -7.26 -7.06 0.91
N MET A 132 -7.03 -7.47 -0.34
CA MET A 132 -7.38 -8.80 -0.78
C MET A 132 -6.11 -9.58 -1.05
N ARG A 133 -5.90 -10.64 -0.26
CA ARG A 133 -4.70 -11.46 -0.38
C ARG A 133 -4.87 -12.58 -1.39
N GLY A 134 -3.85 -12.86 -2.21
CA GLY A 134 -3.97 -13.90 -3.22
C GLY A 134 -4.28 -13.39 -4.62
N PRO A 135 -4.35 -14.26 -5.64
CA PRO A 135 -4.63 -13.79 -7.01
C PRO A 135 -5.93 -13.02 -7.10
N VAL A 136 -5.94 -11.89 -7.82
CA VAL A 136 -7.14 -11.05 -7.92
C VAL A 136 -7.51 -10.79 -9.35
N SER A 137 -6.74 -11.37 -10.27
CA SER A 137 -6.98 -11.13 -11.69
C SER A 137 -8.38 -11.53 -12.16
N VAL A 138 -8.96 -12.48 -11.44
CA VAL A 138 -10.27 -12.97 -11.77
C VAL A 138 -11.28 -11.85 -11.91
N LEU A 139 -11.04 -10.72 -11.25
CA LEU A 139 -12.00 -9.67 -11.37
C LEU A 139 -11.39 -8.32 -11.72
N TYR A 140 -10.07 -8.26 -11.72
CA TYR A 140 -9.41 -6.98 -11.98
C TYR A 140 -8.41 -6.90 -13.12
N GLY A 141 -7.99 -8.02 -13.64
CA GLY A 141 -7.01 -7.93 -14.69
C GLY A 141 -5.58 -8.18 -14.26
N LYS A 142 -4.65 -7.63 -15.05
CA LYS A 142 -3.26 -7.85 -14.70
C LYS A 142 -2.98 -7.42 -13.24
N SER A 143 -2.35 -8.29 -12.47
CA SER A 143 -2.00 -7.95 -11.10
C SER A 143 -0.90 -8.80 -10.46
N SER A 144 -0.14 -8.16 -9.59
CA SER A 144 0.90 -8.88 -8.89
C SER A 144 0.26 -10.11 -8.20
N PRO A 145 0.98 -11.24 -8.16
CA PRO A 145 0.49 -12.48 -7.54
C PRO A 145 0.07 -12.16 -6.16
N GLY A 146 -1.10 -12.63 -5.81
CA GLY A 146 -1.58 -12.38 -4.47
C GLY A 146 -1.37 -11.00 -3.86
N GLY A 147 -2.30 -10.05 -4.07
CA GLY A 147 -2.10 -8.76 -3.45
C GLY A 147 -2.79 -7.57 -4.08
N LEU A 148 -3.79 -7.07 -3.39
CA LEU A 148 -4.46 -5.95 -3.91
C LEU A 148 -4.89 -5.05 -2.75
N LEU A 149 -4.90 -3.72 -2.96
CA LEU A 149 -5.38 -2.80 -1.94
C LEU A 149 -6.47 -1.99 -2.61
N ASN A 150 -7.61 -1.84 -1.97
CA ASN A 150 -8.67 -1.03 -2.53
C ASN A 150 -9.16 -0.10 -1.41
N MET A 151 -9.15 1.19 -1.69
CA MET A 151 -9.60 2.20 -0.77
C MET A 151 -11.03 2.62 -1.18
N VAL A 152 -11.85 3.01 -0.22
CA VAL A 152 -13.19 3.46 -0.52
C VAL A 152 -13.30 4.93 -0.15
N SER A 153 -13.54 5.75 -1.15
CA SER A 153 -13.65 7.18 -0.94
C SER A 153 -14.73 7.34 0.11
N LYS A 154 -14.74 8.45 0.82
CA LYS A 154 -15.82 8.67 1.77
C LYS A 154 -16.94 9.20 0.90
N ARG A 155 -18.17 8.85 1.25
CA ARG A 155 -19.32 9.30 0.51
C ARG A 155 -20.22 10.12 1.42
N PRO A 156 -21.24 10.79 0.87
CA PRO A 156 -22.18 11.61 1.63
C PRO A 156 -22.84 10.77 2.67
N THR A 157 -23.01 11.36 3.85
CA THR A 157 -23.58 10.71 5.04
C THR A 157 -25.05 10.95 5.05
N THR A 158 -25.77 10.11 5.79
CA THR A 158 -27.25 10.22 5.90
C THR A 158 -27.65 11.52 6.62
N GLU A 159 -26.97 11.78 7.73
CA GLU A 159 -27.20 12.97 8.51
C GLU A 159 -26.06 13.92 8.36
N PRO A 160 -26.27 15.20 8.68
CA PRO A 160 -25.18 16.17 8.53
C PRO A 160 -23.89 15.74 9.20
N LEU A 161 -22.77 16.23 8.70
CA LEU A 161 -21.51 15.94 9.33
C LEU A 161 -20.76 17.23 9.30
N LYS A 162 -20.38 17.72 10.48
CA LYS A 162 -19.64 18.97 10.57
C LYS A 162 -18.40 18.60 11.35
N GLU A 163 -17.28 18.34 10.67
CA GLU A 163 -16.08 17.96 11.38
C GLU A 163 -14.91 18.87 11.09
N VAL A 164 -14.19 19.20 12.15
CA VAL A 164 -12.97 20.00 12.04
C VAL A 164 -11.94 19.24 12.91
N GLN A 165 -10.79 18.90 12.34
CA GLN A 165 -9.79 18.16 13.10
C GLN A 165 -8.47 18.89 13.14
N PHE A 166 -7.79 18.84 14.31
CA PHE A 166 -6.52 19.54 14.51
C PHE A 166 -5.47 18.66 15.02
N LYS A 167 -4.37 18.60 14.28
CA LYS A 167 -3.27 17.73 14.68
C LYS A 167 -2.12 18.56 15.16
N ALA A 168 -1.19 17.93 15.85
CA ALA A 168 0.01 18.58 16.38
C ALA A 168 0.79 17.45 17.03
N GLY A 169 2.01 17.21 16.53
CA GLY A 169 2.84 16.13 17.05
C GLY A 169 4.32 16.38 16.89
N THR A 170 5.12 15.41 17.29
CA THR A 170 6.58 15.50 17.20
C THR A 170 7.05 15.77 15.79
N ASP A 171 8.25 16.29 15.68
CA ASP A 171 8.81 16.59 14.37
C ASP A 171 7.99 17.66 13.68
N SER A 172 7.51 18.61 14.49
CA SER A 172 6.71 19.76 14.04
C SER A 172 5.51 19.45 13.12
N LEU A 173 4.84 18.34 13.41
CA LEU A 173 3.67 17.94 12.65
C LEU A 173 2.48 18.80 13.02
N PHE A 174 1.83 19.36 12.00
CA PHE A 174 0.65 20.17 12.20
C PHE A 174 -0.31 19.95 11.01
N GLN A 175 -1.45 19.32 11.29
CA GLN A 175 -2.47 19.06 10.29
C GLN A 175 -3.79 19.68 10.76
N THR A 176 -4.46 20.31 9.82
CA THR A 176 -5.73 20.96 10.11
C THR A 176 -6.63 20.59 8.94
N GLY A 177 -7.67 19.80 9.23
CA GLY A 177 -8.61 19.41 8.17
C GLY A 177 -10.07 19.30 8.61
N PHE A 178 -10.93 19.08 7.64
CA PHE A 178 -12.36 18.97 7.90
C PHE A 178 -13.03 17.82 7.08
N ASP A 179 -14.30 17.56 7.40
CA ASP A 179 -15.07 16.50 6.76
C ASP A 179 -16.54 16.83 6.90
N PHE A 180 -17.10 17.45 5.88
CA PHE A 180 -18.51 17.82 5.90
C PHE A 180 -19.40 17.06 4.93
N SER A 181 -20.68 16.98 5.26
CA SER A 181 -21.66 16.26 4.44
C SER A 181 -23.06 16.65 4.90
N ASP A 182 -23.88 16.98 3.90
CA ASP A 182 -25.27 17.31 4.14
C ASP A 182 -26.05 17.11 2.83
N SER A 183 -27.36 17.37 2.88
CA SER A 183 -28.23 17.22 1.72
C SER A 183 -28.84 18.55 1.39
N LEU A 184 -29.04 18.81 0.10
CA LEU A 184 -29.64 20.05 -0.39
C LEU A 184 -31.17 20.11 -0.10
N ASP A 185 -31.88 19.03 -0.41
CA ASP A 185 -33.31 18.94 -0.16
C ASP A 185 -33.58 18.16 1.13
N ASP A 186 -34.85 18.03 1.51
CA ASP A 186 -35.19 17.32 2.72
C ASP A 186 -35.36 15.84 2.46
N ASP A 187 -35.44 15.44 1.19
CA ASP A 187 -35.64 14.04 0.88
C ASP A 187 -34.37 13.33 0.61
N GLY A 188 -33.30 14.10 0.38
CA GLY A 188 -31.99 13.51 0.15
C GLY A 188 -31.67 13.04 -1.26
N VAL A 189 -32.32 13.63 -2.23
CA VAL A 189 -32.07 13.25 -3.61
C VAL A 189 -30.78 13.92 -4.02
N TYR A 190 -30.42 14.93 -3.24
CA TYR A 190 -29.20 15.69 -3.47
C TYR A 190 -28.40 15.90 -2.20
N SER A 191 -27.29 15.18 -2.09
CA SER A 191 -26.38 15.28 -0.95
C SER A 191 -24.92 15.38 -1.45
N TYR A 192 -24.00 15.65 -0.53
CA TYR A 192 -22.56 15.77 -0.88
C TYR A 192 -21.63 15.48 0.29
N ARG A 193 -20.37 15.81 0.08
CA ARG A 193 -19.34 15.64 1.08
C ARG A 193 -18.12 16.36 0.56
N LEU A 194 -17.34 16.89 1.48
CA LEU A 194 -16.13 17.62 1.16
C LEU A 194 -15.14 17.37 2.27
N THR A 195 -14.20 16.48 2.02
CA THR A 195 -13.14 16.21 3.00
C THR A 195 -11.83 16.88 2.54
N GLY A 196 -11.09 17.47 3.45
CA GLY A 196 -9.86 18.10 3.03
C GLY A 196 -8.90 18.31 4.20
N LEU A 197 -7.60 18.46 3.91
CA LEU A 197 -6.61 18.64 4.96
C LEU A 197 -5.40 19.33 4.49
N ALA A 198 -4.71 19.91 5.46
CA ALA A 198 -3.45 20.63 5.24
C ALA A 198 -2.55 20.05 6.31
N ARG A 199 -1.51 19.34 5.89
CA ARG A 199 -0.62 18.74 6.85
C ARG A 199 0.77 19.04 6.46
N SER A 200 1.55 19.42 7.47
CA SER A 200 2.98 19.73 7.30
C SER A 200 3.79 19.24 8.48
N ALA A 201 5.03 18.84 8.18
CA ALA A 201 5.94 18.36 9.24
C ALA A 201 7.35 18.14 8.75
N ASN A 202 8.26 17.86 9.68
CA ASN A 202 9.63 17.62 9.31
C ASN A 202 9.82 16.13 9.24
N ALA A 203 10.56 15.63 8.23
CA ALA A 203 10.79 14.17 8.12
C ALA A 203 11.58 13.62 9.30
N GLN A 204 11.82 12.31 9.32
CA GLN A 204 12.61 11.74 10.44
C GLN A 204 14.09 12.11 10.17
N GLN A 205 14.46 12.05 8.89
CA GLN A 205 15.80 12.36 8.46
C GLN A 205 15.97 13.86 8.47
N LYS A 206 17.16 14.34 8.85
CA LYS A 206 17.44 15.77 8.91
C LYS A 206 17.39 16.47 7.59
N GLY A 207 16.80 17.65 7.60
CA GLY A 207 16.72 18.42 6.38
C GLY A 207 15.54 18.13 5.46
N SER A 208 14.86 17.00 5.69
CA SER A 208 13.74 16.61 4.85
C SER A 208 12.38 17.05 5.38
N GLU A 209 11.53 17.46 4.43
CA GLU A 209 10.21 17.93 4.80
C GLU A 209 9.08 17.22 4.07
N GLU A 210 7.91 17.30 4.69
CA GLU A 210 6.70 16.66 4.21
C GLU A 210 5.61 17.72 4.10
N GLN A 211 4.90 17.73 2.99
CA GLN A 211 3.83 18.70 2.82
C GLN A 211 2.70 18.20 1.95
N ARG A 212 1.48 18.20 2.49
CA ARG A 212 0.33 17.74 1.71
C ARG A 212 -0.87 18.65 1.80
N TYR A 213 -1.52 18.83 0.67
CA TYR A 213 -2.71 19.62 0.62
C TYR A 213 -3.66 18.78 -0.19
N ALA A 214 -4.73 18.31 0.45
CA ALA A 214 -5.71 17.46 -0.23
C ALA A 214 -7.16 17.84 0.09
N ILE A 215 -8.04 17.71 -0.89
CA ILE A 215 -9.49 17.99 -0.78
C ILE A 215 -10.23 16.99 -1.70
N ALA A 216 -11.27 16.36 -1.15
CA ALA A 216 -12.11 15.36 -1.86
C ALA A 216 -13.58 15.77 -2.03
N PRO A 217 -13.95 16.37 -3.20
CA PRO A 217 -15.35 16.78 -3.46
C PRO A 217 -16.22 15.53 -3.89
N ALA A 218 -17.33 15.28 -3.19
CA ALA A 218 -18.21 14.15 -3.53
C ALA A 218 -19.66 14.65 -3.62
N PHE A 219 -20.44 14.00 -4.47
CA PHE A 219 -21.83 14.38 -4.66
C PHE A 219 -22.63 13.22 -5.17
N THR A 220 -23.67 12.82 -4.42
CA THR A 220 -24.60 11.69 -4.75
C THR A 220 -26.07 12.03 -5.06
N TRP A 221 -26.48 11.74 -6.30
CA TRP A 221 -27.82 11.99 -6.78
C TRP A 221 -28.58 10.71 -6.69
N ARG A 222 -29.66 10.70 -5.90
CA ARG A 222 -30.54 9.53 -5.73
C ARG A 222 -31.95 9.91 -6.24
N PRO A 223 -32.17 9.94 -7.56
CA PRO A 223 -33.46 10.30 -8.13
C PRO A 223 -34.65 9.53 -7.55
N ASP A 224 -34.35 8.66 -6.60
CA ASP A 224 -35.37 7.86 -5.97
C ASP A 224 -34.71 6.95 -4.95
N ASP A 225 -34.92 5.63 -5.11
CA ASP A 225 -34.39 4.62 -4.18
C ASP A 225 -33.95 3.37 -4.92
N LYS A 226 -33.70 3.53 -6.20
CA LYS A 226 -33.23 2.41 -7.01
C LYS A 226 -32.08 2.90 -7.96
N THR A 227 -31.82 4.20 -7.88
CA THR A 227 -30.77 4.81 -8.66
C THR A 227 -29.85 5.58 -7.73
N ASN A 228 -28.53 5.43 -7.95
CA ASN A 228 -27.47 6.13 -7.19
C ASN A 228 -26.28 6.50 -8.05
N PHE A 229 -26.00 7.79 -8.10
CA PHE A 229 -24.87 8.28 -8.86
C PHE A 229 -23.99 9.21 -8.01
N THR A 230 -22.91 8.69 -7.43
CA THR A 230 -21.93 9.50 -6.65
C THR A 230 -20.74 9.94 -7.45
N PHE A 231 -20.48 11.26 -7.45
CA PHE A 231 -19.38 11.84 -8.21
C PHE A 231 -18.33 11.96 -7.19
N LEU A 232 -17.21 11.32 -7.48
CA LEU A 232 -16.07 11.26 -6.57
C LEU A 232 -14.79 11.89 -7.19
N SER A 233 -14.32 12.95 -6.55
CA SER A 233 -13.13 13.60 -7.00
C SER A 233 -12.16 13.69 -5.79
N TYR A 234 -10.86 13.80 -6.12
CA TYR A 234 -9.81 13.91 -5.16
C TYR A 234 -8.74 14.75 -5.83
N PHE A 235 -8.47 15.94 -5.28
CA PHE A 235 -7.42 16.82 -5.78
C PHE A 235 -6.35 17.00 -4.68
N GLN A 236 -5.13 16.51 -4.92
CA GLN A 236 -4.03 16.60 -3.94
C GLN A 236 -2.75 17.17 -4.52
N ASN A 237 -2.06 17.93 -3.70
CA ASN A 237 -0.81 18.53 -4.10
C ASN A 237 0.24 18.45 -2.98
N GLU A 238 1.44 18.00 -3.33
CA GLU A 238 2.52 17.90 -2.35
C GLU A 238 3.84 18.52 -2.85
N PRO A 239 4.18 19.75 -2.37
CA PRO A 239 5.43 20.44 -2.75
C PRO A 239 6.67 19.59 -2.42
N GLU A 240 6.75 19.15 -1.15
CA GLU A 240 7.82 18.28 -0.69
C GLU A 240 7.28 16.99 -0.04
N THR A 241 7.62 15.85 -0.65
CA THR A 241 7.21 14.49 -0.19
C THR A 241 8.00 13.76 0.91
N GLY A 242 9.14 14.34 1.37
CA GLY A 242 9.96 13.74 2.43
C GLY A 242 11.13 12.89 1.97
N TYR A 243 11.72 12.16 2.89
CA TYR A 243 12.87 11.31 2.59
C TYR A 243 12.62 10.11 1.68
N TYR A 244 13.60 9.69 0.90
CA TYR A 244 13.43 8.50 0.05
C TYR A 244 14.80 7.92 -0.40
N GLY A 245 15.77 7.90 0.53
CA GLY A 245 17.11 7.47 0.21
C GLY A 245 17.50 6.17 0.81
N TRP A 246 18.62 5.63 0.32
CA TRP A 246 19.15 4.36 0.79
C TRP A 246 20.38 4.51 1.75
N LEU A 247 20.51 3.55 2.67
CA LEU A 247 21.62 3.57 3.63
C LEU A 247 22.21 2.16 3.70
N PRO A 248 23.57 2.09 3.68
CA PRO A 248 24.35 0.84 3.74
C PRO A 248 23.99 -0.07 4.90
N LYS A 249 24.15 -1.39 4.76
CA LYS A 249 23.87 -2.24 5.91
C LYS A 249 24.93 -1.82 6.91
N GLU A 250 26.06 -1.31 6.38
CA GLU A 250 27.18 -0.83 7.20
C GLU A 250 26.89 0.51 7.84
N GLY A 251 26.42 0.52 9.05
CA GLY A 251 26.10 1.78 9.68
C GLY A 251 24.64 1.75 10.09
N THR A 252 23.94 0.62 9.82
CA THR A 252 22.51 0.44 10.16
C THR A 252 22.27 -0.91 10.78
N VAL A 253 22.27 -1.93 9.92
CA VAL A 253 22.07 -3.29 10.41
C VAL A 253 23.33 -3.80 11.09
N GLU A 254 24.45 -3.54 10.42
CA GLU A 254 25.80 -3.92 10.88
C GLU A 254 26.63 -2.68 11.31
N PRO A 255 27.50 -2.86 12.30
CA PRO A 255 28.32 -1.74 12.78
C PRO A 255 29.32 -1.28 11.77
N LEU A 256 29.59 0.02 11.80
CA LEU A 256 30.59 0.58 10.89
C LEU A 256 31.94 0.09 11.41
N PRO A 257 33.02 0.23 10.59
CA PRO A 257 34.34 -0.20 11.04
C PRO A 257 34.62 0.18 12.51
N ASN A 258 34.42 1.45 12.88
CA ASN A 258 34.66 1.90 14.24
C ASN A 258 33.53 1.55 15.18
N GLY A 259 32.93 0.36 15.03
CA GLY A 259 31.84 -0.06 15.91
C GLY A 259 30.62 0.86 16.14
N LYS A 260 30.64 2.07 15.56
CA LYS A 260 29.53 3.02 15.71
C LYS A 260 28.63 2.92 14.49
N ARG A 261 27.34 3.17 14.71
CA ARG A 261 26.35 3.14 13.64
C ARG A 261 25.81 4.53 13.29
N LEU A 262 25.29 4.71 12.07
CA LEU A 262 24.70 5.97 11.69
C LEU A 262 23.42 6.21 12.52
N PRO A 263 23.21 7.46 12.99
CA PRO A 263 21.99 7.76 13.78
C PRO A 263 20.66 7.46 12.96
N THR A 264 19.54 7.26 13.66
CA THR A 264 18.30 6.88 12.99
C THR A 264 17.76 8.03 12.21
N ASP A 265 18.28 9.23 12.45
CA ASP A 265 17.81 10.38 11.70
C ASP A 265 18.82 10.88 10.65
N PHE A 266 19.86 10.11 10.38
CA PHE A 266 20.91 10.47 9.43
C PHE A 266 20.38 10.66 8.02
N ASN A 267 20.83 11.70 7.33
CA ASN A 267 20.39 11.96 5.98
C ASN A 267 21.61 12.02 5.07
N GLU A 268 21.58 11.19 4.02
CA GLU A 268 22.70 11.08 3.10
C GLU A 268 22.50 11.78 1.84
N GLY A 269 21.44 12.57 1.74
CA GLY A 269 21.24 13.27 0.48
C GLY A 269 21.63 14.75 0.48
N ALA A 270 21.69 15.36 -0.71
CA ALA A 270 22.01 16.79 -0.84
C ALA A 270 21.09 17.73 -0.07
N LYS A 271 21.58 18.90 0.28
CA LYS A 271 20.78 19.88 1.04
C LYS A 271 19.59 20.37 0.20
N ASN A 272 19.83 20.50 -1.10
CA ASN A 272 18.82 20.96 -2.01
C ASN A 272 18.02 19.79 -2.65
N ASN A 273 17.96 18.67 -1.91
CA ASN A 273 17.22 17.49 -2.36
C ASN A 273 15.73 17.93 -2.35
N THR A 274 14.98 17.65 -3.43
CA THR A 274 13.56 17.99 -3.50
C THR A 274 12.68 16.92 -4.10
N TYR A 275 11.46 16.77 -3.58
CA TYR A 275 10.51 15.77 -4.09
C TYR A 275 9.06 16.30 -4.09
N SER A 276 8.38 16.19 -5.24
CA SER A 276 7.02 16.66 -5.36
C SER A 276 6.12 15.77 -6.23
N ARG A 277 4.81 15.78 -5.91
CA ARG A 277 3.77 14.97 -6.59
C ARG A 277 2.51 15.73 -6.57
N ASN A 278 1.83 15.73 -7.71
CA ASN A 278 0.57 16.44 -7.86
C ASN A 278 -0.49 15.49 -8.42
N GLU A 279 -1.68 15.47 -7.80
CA GLU A 279 -2.77 14.57 -8.20
C GLU A 279 -4.05 15.31 -8.43
N LYS A 280 -4.76 14.94 -9.52
CA LYS A 280 -6.08 15.53 -9.89
C LYS A 280 -6.88 14.45 -10.58
N MET A 281 -8.04 14.11 -10.02
CA MET A 281 -8.91 13.06 -10.54
C MET A 281 -10.45 13.30 -10.35
N VAL A 282 -11.22 13.03 -11.40
CA VAL A 282 -12.66 13.21 -11.35
C VAL A 282 -13.25 11.94 -11.92
N GLY A 283 -14.35 11.50 -11.31
CA GLY A 283 -15.00 10.26 -11.67
C GLY A 283 -16.30 10.10 -10.89
N TYR A 284 -16.88 8.88 -10.94
CA TYR A 284 -18.14 8.58 -10.25
C TYR A 284 -18.42 7.11 -10.12
N SER A 285 -19.25 6.78 -9.15
CA SER A 285 -19.68 5.39 -8.92
C SER A 285 -21.18 5.47 -9.07
N PHE A 286 -21.77 4.53 -9.79
CA PHE A 286 -23.20 4.59 -9.99
C PHE A 286 -23.83 3.26 -10.13
N ASP A 287 -24.92 3.08 -9.40
CA ASP A 287 -25.69 1.84 -9.45
C ASP A 287 -27.16 2.16 -9.75
N HIS A 288 -27.85 1.21 -10.32
CA HIS A 288 -29.25 1.36 -10.61
C HIS A 288 -29.87 -0.03 -10.58
N GLU A 289 -31.00 -0.11 -9.90
CA GLU A 289 -31.77 -1.35 -9.81
C GLU A 289 -33.03 -1.15 -10.67
N PHE A 290 -33.20 -2.00 -11.68
CA PHE A 290 -34.34 -1.88 -12.56
C PHE A 290 -35.52 -2.63 -12.02
N ASN A 291 -35.26 -3.84 -11.54
CA ASN A 291 -36.31 -4.68 -11.01
C ASN A 291 -35.85 -5.64 -9.93
N ASP A 292 -36.38 -6.87 -9.93
CA ASP A 292 -36.05 -7.85 -8.91
C ASP A 292 -34.90 -8.75 -9.29
N THR A 293 -34.46 -8.68 -10.54
CA THR A 293 -33.36 -9.57 -10.96
C THR A 293 -32.11 -8.86 -11.55
N PHE A 294 -32.31 -7.63 -12.04
CA PHE A 294 -31.24 -6.84 -12.63
C PHE A 294 -30.92 -5.50 -11.96
N THR A 295 -29.63 -5.29 -11.70
CA THR A 295 -29.09 -4.05 -11.12
C THR A 295 -27.84 -3.81 -11.94
N VAL A 296 -27.62 -2.57 -12.34
CA VAL A 296 -26.43 -2.28 -13.12
C VAL A 296 -25.60 -1.27 -12.40
N ARG A 297 -24.28 -1.44 -12.44
CA ARG A 297 -23.38 -0.48 -11.78
C ARG A 297 -22.18 -0.17 -12.66
N GLN A 298 -21.75 1.09 -12.63
CA GLN A 298 -20.59 1.50 -13.40
C GLN A 298 -19.69 2.45 -12.62
N ASN A 299 -18.38 2.15 -12.59
CA ASN A 299 -17.41 2.95 -11.87
C ASN A 299 -16.52 3.56 -12.89
N LEU A 300 -16.21 4.83 -12.72
CA LEU A 300 -15.37 5.53 -13.68
C LEU A 300 -14.52 6.64 -13.09
N ARG A 301 -13.28 6.70 -13.54
CA ARG A 301 -12.42 7.73 -13.01
C ARG A 301 -11.40 8.14 -14.02
N PHE A 302 -11.19 9.44 -14.10
CA PHE A 302 -10.14 9.93 -14.97
C PHE A 302 -9.21 10.66 -14.05
N ALA A 303 -7.93 10.61 -14.36
CA ALA A 303 -6.96 11.31 -13.53
C ALA A 303 -5.64 11.66 -14.22
N GLU A 304 -5.03 12.76 -13.79
CA GLU A 304 -3.75 13.15 -14.35
C GLU A 304 -2.96 13.46 -13.15
N ASN A 305 -1.78 12.81 -13.05
CA ASN A 305 -0.89 12.98 -11.91
C ASN A 305 0.53 13.25 -12.39
N LYS A 306 1.25 14.06 -11.61
CA LYS A 306 2.62 14.41 -11.92
C LYS A 306 3.47 14.34 -10.69
N THR A 307 4.75 14.14 -10.93
CA THR A 307 5.77 14.11 -9.89
C THR A 307 7.14 14.55 -10.48
N SER A 308 7.90 15.33 -9.70
CA SER A 308 9.21 15.77 -10.09
C SER A 308 10.10 15.65 -8.88
N GLN A 309 11.40 15.48 -9.10
CA GLN A 309 12.33 15.39 -7.97
C GLN A 309 13.79 15.65 -8.42
N ASN A 310 14.57 16.14 -7.45
CA ASN A 310 15.99 16.40 -7.58
C ASN A 310 16.54 15.71 -6.34
N SER A 311 17.08 14.53 -6.53
CA SER A 311 17.58 13.84 -5.38
C SER A 311 18.92 13.10 -5.47
N VAL A 312 19.64 13.14 -4.34
CA VAL A 312 20.89 12.42 -4.14
C VAL A 312 20.59 11.33 -3.08
N TYR A 313 20.55 10.09 -3.57
CA TYR A 313 20.31 8.93 -2.74
C TYR A 313 21.67 8.37 -2.43
N GLY A 314 21.76 7.23 -1.76
CA GLY A 314 23.05 6.65 -1.47
C GLY A 314 23.21 5.27 -2.09
N TYR A 315 24.47 4.90 -2.30
CA TYR A 315 24.87 3.55 -2.78
C TYR A 315 25.78 3.10 -1.65
N GLY A 316 25.85 1.81 -1.41
CA GLY A 316 26.64 1.34 -0.27
C GLY A 316 27.93 2.03 0.12
N VAL A 317 28.67 1.42 1.07
CA VAL A 317 29.97 1.96 1.46
C VAL A 317 30.94 1.56 0.30
N CYS A 318 32.03 2.33 0.18
CA CYS A 318 33.02 2.13 -0.85
C CYS A 318 33.53 0.71 -0.92
N SER A 319 33.51 0.00 0.19
CA SER A 319 33.92 -1.41 0.24
C SER A 319 32.77 -2.36 -0.23
N ASP A 320 31.67 -1.77 -0.69
CA ASP A 320 30.53 -2.56 -1.12
C ASP A 320 30.73 -2.91 -2.58
N PRO A 321 30.49 -4.18 -2.91
CA PRO A 321 30.64 -4.68 -4.28
C PRO A 321 30.06 -3.80 -5.35
N ALA A 322 28.91 -3.20 -5.09
CA ALA A 322 28.27 -2.35 -6.09
C ALA A 322 29.18 -1.26 -6.58
N ASN A 323 29.89 -0.62 -5.65
CA ASN A 323 30.83 0.44 -5.98
C ASN A 323 32.20 -0.03 -6.48
N ALA A 324 32.26 -1.28 -6.92
CA ALA A 324 33.47 -1.91 -7.45
C ALA A 324 34.15 -1.05 -8.48
N TYR A 325 33.38 -0.47 -9.36
CA TYR A 325 33.96 0.36 -10.39
C TYR A 325 33.93 1.83 -10.07
N SER A 326 33.83 2.22 -8.80
CA SER A 326 33.82 3.64 -8.44
C SER A 326 35.23 4.16 -8.27
N LYS A 327 35.57 5.20 -9.02
CA LYS A 327 36.91 5.74 -8.91
C LYS A 327 37.09 6.42 -7.57
N GLN A 328 36.29 7.43 -7.28
CA GLN A 328 36.41 8.10 -6.00
C GLN A 328 36.60 7.07 -4.89
N CYS A 329 35.95 5.91 -5.02
CA CYS A 329 36.05 4.84 -4.03
C CYS A 329 37.42 4.19 -4.00
N ALA A 330 37.85 3.75 -5.17
CA ALA A 330 39.16 3.13 -5.31
C ALA A 330 40.23 4.25 -5.37
N ALA A 331 40.27 5.07 -4.33
CA ALA A 331 41.21 6.17 -4.25
C ALA A 331 41.36 6.49 -2.79
N LEU A 332 40.95 5.51 -1.97
CA LEU A 332 40.99 5.60 -0.50
C LEU A 332 41.79 4.41 -0.03
N ALA A 333 42.47 4.56 1.11
CA ALA A 333 43.29 3.47 1.63
C ALA A 333 42.46 2.19 1.64
N PRO A 334 42.90 1.13 0.88
CA PRO A 334 42.21 -0.16 0.77
C PRO A 334 41.44 -0.65 2.00
N ALA A 335 41.73 -0.05 3.16
CA ALA A 335 41.04 -0.40 4.41
C ALA A 335 40.42 0.89 4.96
N ASP A 336 39.94 1.73 4.06
CA ASP A 336 39.29 2.99 4.39
C ASP A 336 37.95 3.03 3.64
N LYS A 337 37.82 2.11 2.68
CA LYS A 337 36.65 1.99 1.82
C LYS A 337 35.35 1.54 2.52
N GLY A 338 35.50 0.82 3.63
CA GLY A 338 34.36 0.33 4.36
C GLY A 338 33.75 1.35 5.31
N HIS A 339 34.19 2.60 5.23
CA HIS A 339 33.66 3.65 6.10
C HIS A 339 33.35 4.94 5.31
N TYR A 340 33.39 4.83 3.99
CA TYR A 340 33.06 5.97 3.13
C TYR A 340 31.83 5.57 2.34
N LEU A 341 30.97 6.55 2.04
CA LEU A 341 29.74 6.25 1.29
C LEU A 341 29.81 6.79 -0.16
N ALA A 342 29.32 5.97 -1.11
CA ALA A 342 29.27 6.34 -2.54
C ALA A 342 27.88 6.89 -2.73
N ARG A 343 27.69 7.88 -3.59
CA ARG A 343 26.32 8.36 -3.77
C ARG A 343 26.08 8.58 -5.24
N LYS A 344 24.79 8.63 -5.61
CA LYS A 344 24.30 8.85 -6.99
C LYS A 344 23.11 9.80 -6.90
N TYR A 345 22.61 10.24 -8.05
CA TYR A 345 21.51 11.14 -7.96
C TYR A 345 20.54 10.90 -9.09
N VAL A 346 19.44 11.68 -9.07
CA VAL A 346 18.45 11.63 -10.13
C VAL A 346 17.54 12.83 -10.15
N VAL A 347 17.24 13.30 -11.36
CA VAL A 347 16.35 14.43 -11.57
C VAL A 347 15.24 13.81 -12.36
N ASP A 348 14.01 13.94 -11.88
CA ASP A 348 12.89 13.37 -12.59
C ASP A 348 11.85 14.41 -12.68
N ASP A 349 10.99 14.20 -13.64
CA ASP A 349 9.82 15.06 -13.89
C ASP A 349 8.92 14.31 -14.89
N GLU A 350 7.86 13.70 -14.32
CA GLU A 350 6.92 12.92 -15.07
C GLU A 350 5.52 13.51 -15.10
N LYS A 351 4.62 12.81 -15.75
CA LYS A 351 3.22 13.22 -15.85
C LYS A 351 2.47 12.15 -16.63
N LEU A 352 1.36 11.69 -16.03
CA LEU A 352 0.53 10.67 -16.64
C LEU A 352 -0.94 10.89 -16.47
N GLN A 353 -1.69 10.34 -17.40
CA GLN A 353 -3.11 10.39 -17.36
C GLN A 353 -3.51 8.91 -17.22
N ASN A 354 -4.66 8.69 -16.56
CA ASN A 354 -5.18 7.34 -16.28
C ASN A 354 -6.71 7.45 -16.27
N PHE A 355 -7.34 6.85 -17.29
CA PHE A 355 -8.81 6.84 -17.36
C PHE A 355 -9.20 5.40 -17.19
N SER A 356 -10.25 5.20 -16.40
CA SER A 356 -10.72 3.85 -16.10
C SER A 356 -12.25 3.76 -16.00
N VAL A 357 -12.79 2.62 -16.42
CA VAL A 357 -14.26 2.38 -16.35
C VAL A 357 -14.56 0.92 -16.20
N ASP A 358 -15.45 0.64 -15.26
CA ASP A 358 -15.88 -0.72 -15.00
C ASP A 358 -17.39 -0.64 -15.08
N THR A 359 -17.97 -1.62 -15.77
CA THR A 359 -19.43 -1.67 -15.92
C THR A 359 -19.78 -3.09 -15.69
N GLN A 360 -20.83 -3.31 -14.90
CA GLN A 360 -21.23 -4.68 -14.59
C GLN A 360 -22.70 -4.85 -14.29
N LEU A 361 -23.23 -6.00 -14.76
CA LEU A 361 -24.64 -6.37 -14.58
C LEU A 361 -24.75 -7.52 -13.63
N GLN A 362 -25.62 -7.36 -12.63
CA GLN A 362 -25.81 -8.33 -11.58
C GLN A 362 -27.16 -8.99 -11.85
N SER A 363 -27.17 -10.31 -11.96
CA SER A 363 -28.42 -11.01 -12.24
C SER A 363 -28.78 -11.88 -11.05
N LYS A 364 -29.89 -11.54 -10.43
CA LYS A 364 -30.37 -12.30 -9.29
C LYS A 364 -31.56 -13.14 -9.76
N PHE A 365 -31.37 -14.45 -9.79
CA PHE A 365 -32.45 -15.33 -10.22
C PHE A 365 -32.17 -16.70 -9.67
N ALA A 366 -33.12 -17.60 -9.82
CA ALA A 366 -32.92 -18.96 -9.32
C ALA A 366 -33.25 -20.05 -10.35
N THR A 367 -33.23 -21.27 -9.81
CA THR A 367 -33.56 -22.47 -10.57
C THR A 367 -33.62 -23.61 -9.54
N GLY A 368 -34.82 -23.81 -9.01
CA GLY A 368 -35.01 -24.85 -8.03
C GLY A 368 -34.01 -24.86 -6.93
N ASP A 369 -34.26 -24.05 -5.91
CA ASP A 369 -33.40 -24.00 -4.73
C ASP A 369 -31.98 -23.48 -4.92
N ILE A 370 -31.57 -23.33 -6.18
CA ILE A 370 -30.26 -22.81 -6.43
C ILE A 370 -30.44 -21.32 -6.67
N ASP A 371 -30.22 -20.55 -5.60
CA ASP A 371 -30.35 -19.10 -5.64
C ASP A 371 -29.10 -18.56 -6.38
N HIS A 372 -29.34 -17.70 -7.36
CA HIS A 372 -28.24 -17.16 -8.13
C HIS A 372 -27.96 -15.68 -8.05
N THR A 373 -26.66 -15.39 -8.14
CA THR A 373 -26.10 -14.05 -8.14
C THR A 373 -25.00 -14.09 -9.19
N LEU A 374 -25.38 -13.87 -10.43
CA LEU A 374 -24.46 -13.92 -11.57
C LEU A 374 -23.95 -12.55 -11.98
N LEU A 375 -22.62 -12.43 -12.03
CA LEU A 375 -21.98 -11.18 -12.43
C LEU A 375 -21.28 -11.26 -13.78
N THR A 376 -21.60 -10.29 -14.60
CA THR A 376 -21.03 -10.21 -15.93
C THR A 376 -20.62 -8.77 -16.15
N GLY A 377 -19.35 -8.54 -16.55
CA GLY A 377 -18.92 -7.16 -16.77
C GLY A 377 -17.64 -6.92 -17.52
N VAL A 378 -17.51 -5.71 -18.10
CA VAL A 378 -16.33 -5.31 -18.84
C VAL A 378 -15.64 -4.15 -18.13
N ASP A 379 -14.34 -4.37 -17.98
CA ASP A 379 -13.44 -3.46 -17.32
C ASP A 379 -12.41 -2.93 -18.32
N PHE A 380 -12.26 -1.62 -18.39
CA PHE A 380 -11.32 -1.02 -19.31
C PHE A 380 -10.49 0.12 -18.71
N MET A 381 -9.26 0.29 -19.23
CA MET A 381 -8.36 1.33 -18.74
C MET A 381 -7.22 1.55 -19.70
N ARG A 382 -6.63 2.74 -19.58
CA ARG A 382 -5.48 3.09 -20.38
C ARG A 382 -4.69 4.05 -19.51
N MET A 383 -3.36 3.99 -19.63
CA MET A 383 -2.49 4.81 -18.86
C MET A 383 -1.36 5.23 -19.77
N ARG A 384 -0.97 6.50 -19.63
CA ARG A 384 0.13 7.02 -20.43
C ARG A 384 0.96 7.82 -19.47
N ASN A 385 2.26 7.54 -19.45
CA ASN A 385 3.23 8.23 -18.58
C ASN A 385 4.46 8.81 -19.34
N ASP A 386 4.74 10.09 -19.11
CA ASP A 386 5.86 10.67 -19.79
C ASP A 386 6.96 11.08 -18.77
N ILE A 387 8.10 10.40 -18.89
CA ILE A 387 9.27 10.59 -18.03
C ILE A 387 10.41 11.30 -18.79
N ASN A 388 11.03 12.22 -18.05
CA ASN A 388 12.19 12.95 -18.53
C ASN A 388 12.99 13.11 -17.27
N ALA A 389 13.91 12.18 -17.08
CA ALA A 389 14.74 12.19 -15.91
C ALA A 389 16.22 12.21 -16.29
N TRP A 390 17.05 12.26 -15.26
CA TRP A 390 18.48 12.23 -15.44
C TRP A 390 19.06 11.49 -14.24
N PHE A 391 19.95 10.55 -14.50
CA PHE A 391 20.54 9.79 -13.43
C PHE A 391 22.07 9.90 -13.28
N GLY A 392 22.51 10.06 -12.04
CA GLY A 392 23.93 10.10 -11.78
C GLY A 392 24.43 8.68 -11.52
N TYR A 393 25.54 8.32 -12.18
CA TYR A 393 26.14 6.99 -12.05
C TYR A 393 27.34 7.04 -11.09
N ASP A 394 28.27 6.12 -11.23
CA ASP A 394 29.43 6.13 -10.36
C ASP A 394 30.14 7.48 -10.34
N ASP A 395 30.68 7.80 -9.17
CA ASP A 395 31.41 9.06 -8.96
C ASP A 395 30.61 10.32 -9.39
N SER A 396 29.32 10.16 -9.70
CA SER A 396 28.47 11.28 -10.07
C SER A 396 28.30 12.35 -8.96
N VAL A 397 28.54 11.97 -7.71
CA VAL A 397 28.42 12.90 -6.63
C VAL A 397 29.47 12.59 -5.54
N PRO A 398 30.09 13.64 -4.99
CA PRO A 398 31.10 13.52 -3.96
C PRO A 398 30.79 12.55 -2.84
N LEU A 399 31.68 11.59 -2.59
CA LEU A 399 31.52 10.61 -1.51
C LEU A 399 31.22 11.31 -0.19
N LEU A 400 30.81 10.51 0.79
CA LEU A 400 30.50 11.01 2.13
C LEU A 400 31.29 10.22 3.15
N ASN A 401 31.96 10.93 4.03
CA ASN A 401 32.72 10.24 5.06
C ASN A 401 31.69 9.90 6.11
N LEU A 402 31.37 8.64 6.20
CA LEU A 402 30.38 8.25 7.18
C LEU A 402 30.97 8.13 8.59
N TYR A 403 32.29 8.13 8.66
CA TYR A 403 32.97 7.95 9.93
C TYR A 403 32.52 8.96 10.97
N ASN A 404 32.27 10.19 10.53
CA ASN A 404 31.87 11.27 11.45
C ASN A 404 30.68 10.99 12.42
N PRO A 405 29.51 10.54 11.93
CA PRO A 405 28.39 10.26 12.85
C PRO A 405 28.77 9.28 14.00
N SER A 406 28.94 9.89 15.18
CA SER A 406 29.38 9.21 16.39
C SER A 406 28.41 9.28 17.53
N SER A 407 28.88 9.78 18.68
CA SER A 407 28.06 9.93 19.89
C SER A 407 27.58 11.36 20.03
N HIS A 408 28.22 12.28 19.33
CA HIS A 408 27.76 13.65 19.44
C HIS A 408 26.58 13.78 18.49
N HIS A 409 26.55 12.94 17.48
CA HIS A 409 25.44 12.95 16.52
C HIS A 409 24.26 12.05 17.00
N HIS A 410 24.50 11.22 17.98
CA HIS A 410 23.45 10.37 18.48
C HIS A 410 22.68 11.09 19.54
N HIS A 411 23.20 11.05 20.76
CA HIS A 411 22.52 11.68 21.89
C HIS A 411 22.54 13.19 21.85
N HIS A 412 23.63 13.80 22.32
CA HIS A 412 23.75 15.25 22.36
C HIS A 412 23.57 15.86 20.94
N HIS A 413 22.37 15.72 20.38
CA HIS A 413 21.95 16.25 19.06
C HIS A 413 22.06 15.23 17.93
N GLY A 414 21.50 15.58 16.78
CA GLY A 414 21.53 14.69 15.63
C GLY A 414 22.43 15.16 14.50
N SER A 415 22.63 14.31 13.51
CA SER A 415 23.52 14.63 12.39
C SER A 415 23.16 15.94 11.74
N SER A 416 24.02 16.37 10.83
CA SER A 416 23.79 17.63 10.16
C SER A 416 23.62 17.49 8.66
N VAL A 417 22.75 18.35 8.12
CA VAL A 417 22.45 18.38 6.69
C VAL A 417 23.76 18.55 5.90
N ASN A 418 24.05 17.65 4.96
CA ASN A 418 25.24 17.74 4.15
C ASN A 418 25.16 19.02 3.32
N THR A 419 25.82 19.06 2.17
CA THR A 419 25.81 20.29 1.34
C THR A 419 24.93 20.23 0.12
N ASP A 420 24.82 21.35 -0.58
CA ASP A 420 24.01 21.37 -1.79
C ASP A 420 24.60 20.42 -2.80
N PHE A 421 24.12 20.52 -4.03
CA PHE A 421 24.59 19.70 -5.12
C PHE A 421 24.15 20.42 -6.37
N ASP A 422 24.72 20.00 -7.50
CA ASP A 422 24.46 20.64 -8.79
C ASP A 422 23.12 20.37 -9.43
N PHE A 423 22.99 19.16 -9.95
CA PHE A 423 21.77 18.76 -10.63
C PHE A 423 21.73 19.41 -12.02
N ASN A 424 21.73 20.74 -12.05
CA ASN A 424 21.67 21.51 -13.31
C ASN A 424 22.76 21.14 -14.27
N ALA A 425 24.00 21.14 -13.79
CA ALA A 425 25.16 20.83 -14.63
C ALA A 425 25.34 19.33 -14.79
N LYS A 426 24.49 18.73 -15.61
CA LYS A 426 24.51 17.30 -15.85
C LYS A 426 25.69 16.96 -16.72
N ASP A 427 26.81 16.58 -16.12
CA ASP A 427 28.01 16.22 -16.90
C ASP A 427 27.85 14.85 -17.56
N PRO A 428 28.27 14.71 -18.83
CA PRO A 428 28.18 13.47 -19.59
C PRO A 428 29.01 12.31 -19.11
N ALA A 429 29.94 12.63 -18.22
CA ALA A 429 30.84 11.64 -17.65
C ALA A 429 30.13 10.77 -16.63
N ASN A 430 29.76 11.41 -15.50
CA ASN A 430 29.08 10.79 -14.38
C ASN A 430 27.59 10.43 -14.68
N SER A 431 26.95 11.16 -15.61
CA SER A 431 25.55 10.89 -15.90
C SER A 431 25.07 10.88 -17.35
N GLY A 432 23.79 10.74 -17.51
CA GLY A 432 23.21 10.71 -18.82
C GLY A 432 21.70 10.95 -18.71
N PRO A 433 21.02 10.96 -19.84
CA PRO A 433 19.58 11.21 -19.75
C PRO A 433 18.70 9.98 -19.84
N TYR A 434 17.50 10.05 -19.23
CA TYR A 434 16.53 8.95 -19.27
C TYR A 434 15.26 9.60 -19.69
N ARG A 435 14.77 9.18 -20.86
CA ARG A 435 13.53 9.75 -21.39
C ARG A 435 12.71 8.69 -22.03
N ILE A 436 11.63 8.32 -21.34
CA ILE A 436 10.73 7.29 -21.79
C ILE A 436 9.25 7.73 -21.82
N LEU A 437 8.44 7.02 -22.61
CA LEU A 437 7.02 7.27 -22.68
C LEU A 437 6.32 5.90 -22.68
N ASN A 438 5.93 5.47 -21.48
CA ASN A 438 5.27 4.18 -21.32
C ASN A 438 3.75 4.36 -21.51
N LYS A 439 3.17 3.44 -22.27
CA LYS A 439 1.75 3.47 -22.55
C LYS A 439 1.23 2.16 -22.04
N GLN A 440 -0.01 2.21 -21.56
CA GLN A 440 -0.65 1.02 -21.06
C GLN A 440 -2.13 0.97 -21.44
N LYS A 441 -2.64 -0.21 -21.71
CA LYS A 441 -4.04 -0.34 -22.07
C LYS A 441 -4.53 -1.75 -21.70
N GLN A 442 -5.69 -1.84 -21.05
CA GLN A 442 -6.24 -3.13 -20.70
C GLN A 442 -7.72 -3.03 -20.77
N THR A 443 -8.34 -4.16 -21.17
CA THR A 443 -9.80 -4.30 -21.34
C THR A 443 -10.06 -5.72 -20.99
N GLY A 444 -11.03 -5.97 -20.14
CA GLY A 444 -11.26 -7.35 -19.78
C GLY A 444 -12.71 -7.61 -19.53
N VAL A 445 -13.15 -8.86 -19.69
CA VAL A 445 -14.54 -9.23 -19.48
C VAL A 445 -14.50 -10.34 -18.49
N TYR A 446 -15.50 -10.41 -17.63
CA TYR A 446 -15.51 -11.46 -16.62
C TYR A 446 -16.95 -11.92 -16.28
N VAL A 447 -17.04 -13.10 -15.70
CA VAL A 447 -18.32 -13.63 -15.30
C VAL A 447 -18.09 -14.41 -14.04
N GLN A 448 -19.09 -14.38 -13.18
CA GLN A 448 -18.99 -15.03 -11.91
C GLN A 448 -20.40 -15.21 -11.38
N ASP A 449 -20.61 -16.34 -10.69
CA ASP A 449 -21.92 -16.64 -10.13
C ASP A 449 -21.82 -17.01 -8.66
N GLN A 450 -22.68 -16.37 -7.88
CA GLN A 450 -22.70 -16.62 -6.46
C GLN A 450 -23.97 -17.46 -6.24
N ALA A 451 -23.87 -18.72 -6.67
CA ALA A 451 -24.96 -19.67 -6.52
C ALA A 451 -25.02 -20.22 -5.08
N GLN A 452 -26.00 -19.75 -4.30
CA GLN A 452 -26.12 -20.25 -2.94
C GLN A 452 -27.21 -21.30 -2.95
N TRP A 453 -26.81 -22.52 -2.60
CA TRP A 453 -27.76 -23.61 -2.57
C TRP A 453 -27.98 -24.11 -1.12
N ASP A 454 -28.45 -23.20 -0.28
CA ASP A 454 -28.73 -23.50 1.12
C ASP A 454 -27.53 -24.00 1.84
N LYS A 455 -27.02 -23.20 2.75
CA LYS A 455 -25.84 -23.55 3.56
C LYS A 455 -24.62 -24.00 2.71
N VAL A 456 -24.77 -23.82 1.40
CA VAL A 456 -23.73 -24.17 0.44
C VAL A 456 -23.59 -23.04 -0.54
N LEU A 457 -22.83 -22.04 -0.13
CA LEU A 457 -22.59 -20.95 -1.02
C LEU A 457 -21.36 -21.44 -1.73
N VAL A 458 -21.43 -21.44 -3.05
CA VAL A 458 -20.31 -21.84 -3.86
C VAL A 458 -20.11 -20.74 -4.89
N THR A 459 -18.91 -20.13 -4.88
CA THR A 459 -18.63 -19.06 -5.83
C THR A 459 -17.72 -19.56 -6.95
N LEU A 460 -17.99 -19.09 -8.17
CA LEU A 460 -17.18 -19.47 -9.32
C LEU A 460 -17.25 -18.41 -10.40
N GLY A 461 -16.17 -18.29 -11.17
CA GLY A 461 -16.13 -17.29 -12.22
C GLY A 461 -14.74 -17.16 -12.82
N GLY A 462 -14.64 -16.32 -13.87
CA GLY A 462 -13.38 -16.12 -14.58
C GLY A 462 -13.39 -14.83 -15.37
N ARG A 463 -12.24 -14.49 -15.97
CA ARG A 463 -12.11 -13.25 -16.72
C ARG A 463 -11.02 -13.33 -17.80
N TYR A 464 -11.28 -12.72 -18.94
CA TYR A 464 -10.33 -12.67 -20.03
C TYR A 464 -9.77 -11.25 -20.10
N ASP A 465 -8.52 -11.11 -20.53
CA ASP A 465 -7.89 -9.81 -20.59
C ASP A 465 -7.07 -9.49 -21.83
N TRP A 466 -7.14 -8.23 -22.25
CA TRP A 466 -6.46 -7.73 -23.41
C TRP A 466 -5.65 -6.59 -22.90
N ALA A 467 -4.43 -6.89 -22.49
CA ALA A 467 -3.53 -5.86 -21.97
C ALA A 467 -2.41 -5.65 -22.96
N ASP A 468 -2.40 -4.45 -23.53
CA ASP A 468 -1.40 -4.12 -24.49
C ASP A 468 -0.61 -2.94 -23.97
N GLN A 469 0.72 -2.99 -24.18
CA GLN A 469 1.65 -1.92 -23.77
C GLN A 469 2.53 -1.47 -24.92
N GLU A 470 3.16 -0.32 -24.72
CA GLU A 470 4.00 0.28 -25.73
C GLU A 470 4.84 1.39 -25.11
N SER A 471 6.14 1.17 -25.13
CA SER A 471 7.06 2.15 -24.59
C SER A 471 8.03 2.68 -25.67
N LEU A 472 8.12 4.02 -25.69
CA LEU A 472 9.00 4.73 -26.59
C LEU A 472 10.12 5.32 -25.79
N ASN A 473 11.33 4.89 -26.12
CA ASN A 473 12.52 5.41 -25.49
C ASN A 473 12.93 6.64 -26.29
N ARG A 474 12.80 7.83 -25.72
CA ARG A 474 13.16 9.06 -26.46
C ARG A 474 14.63 9.12 -26.94
N VAL A 475 15.58 9.21 -26.02
CA VAL A 475 17.00 9.22 -26.40
C VAL A 475 17.35 8.06 -27.38
N ALA A 476 17.17 6.83 -26.97
CA ALA A 476 17.48 5.70 -27.83
C ALA A 476 16.58 5.61 -29.04
N GLY A 477 15.55 6.42 -29.08
CA GLY A 477 14.64 6.35 -30.20
C GLY A 477 14.19 4.94 -30.52
N THR A 478 13.48 4.31 -29.58
CA THR A 478 12.97 2.97 -29.77
C THR A 478 11.51 2.86 -29.41
N THR A 479 10.94 1.70 -29.69
CA THR A 479 9.54 1.44 -29.34
C THR A 479 9.21 -0.01 -29.22
N ASP A 480 9.19 -0.49 -27.97
CA ASP A 480 8.86 -1.88 -27.75
C ASP A 480 7.40 -1.84 -27.38
N LYS A 481 6.67 -2.86 -27.79
CA LYS A 481 5.29 -2.93 -27.45
C LYS A 481 4.82 -4.36 -27.49
N ARG A 482 3.85 -4.68 -26.63
CA ARG A 482 3.34 -6.05 -26.58
C ARG A 482 1.86 -6.12 -26.19
N ASP A 483 1.07 -6.85 -26.95
CA ASP A 483 -0.34 -6.96 -26.68
C ASP A 483 -0.58 -8.30 -26.05
N ASP A 484 -0.68 -8.29 -24.74
CA ASP A 484 -0.96 -9.51 -24.01
C ASP A 484 -2.43 -9.82 -23.97
N LYS A 485 -2.71 -11.11 -23.96
CA LYS A 485 -4.08 -11.59 -23.89
C LYS A 485 -4.07 -12.76 -22.93
N GLN A 486 -4.67 -12.58 -21.77
CA GLN A 486 -4.70 -13.61 -20.74
C GLN A 486 -6.10 -13.89 -20.19
N PHE A 487 -6.24 -15.05 -19.57
CA PHE A 487 -7.49 -15.45 -18.96
C PHE A 487 -7.23 -16.00 -17.59
N THR A 488 -8.14 -15.70 -16.68
CA THR A 488 -7.98 -16.13 -15.32
C THR A 488 -9.35 -16.47 -14.80
N TRP A 489 -9.41 -17.44 -13.90
CA TRP A 489 -10.67 -17.86 -13.27
C TRP A 489 -10.42 -18.28 -11.81
N ARG A 490 -11.47 -18.29 -11.01
CA ARG A 490 -11.35 -18.67 -9.61
C ARG A 490 -12.59 -19.43 -9.20
N GLY A 491 -12.38 -20.51 -8.44
CA GLY A 491 -13.48 -21.31 -7.95
C GLY A 491 -13.34 -21.53 -6.45
N GLY A 492 -14.47 -21.56 -5.75
CA GLY A 492 -14.43 -21.76 -4.32
C GLY A 492 -15.77 -22.06 -3.67
N VAL A 493 -15.71 -22.61 -2.47
CA VAL A 493 -16.90 -22.93 -1.73
C VAL A 493 -16.76 -22.54 -0.26
N ASN A 494 -17.91 -22.13 0.28
CA ASN A 494 -18.03 -21.74 1.69
C ASN A 494 -19.24 -22.48 2.29
N TYR A 495 -18.98 -23.13 3.44
CA TYR A 495 -20.00 -23.89 4.14
C TYR A 495 -20.65 -23.11 5.27
N LEU A 496 -21.80 -22.50 4.95
CA LEU A 496 -22.51 -21.69 5.92
C LEU A 496 -23.11 -22.53 7.06
N PHE A 497 -22.51 -22.41 8.23
CA PHE A 497 -22.98 -23.11 9.42
C PHE A 497 -23.74 -22.06 10.22
N ASP A 498 -24.84 -22.46 10.85
CA ASP A 498 -25.64 -21.50 11.60
C ASP A 498 -24.95 -21.13 12.87
N ASN A 499 -23.95 -21.91 13.26
CA ASN A 499 -23.24 -21.60 14.49
C ASN A 499 -22.24 -20.48 14.36
N GLY A 500 -22.30 -19.79 13.23
CA GLY A 500 -21.39 -18.68 12.99
C GLY A 500 -20.22 -19.05 12.09
N VAL A 501 -19.63 -20.22 12.35
CA VAL A 501 -18.50 -20.71 11.56
C VAL A 501 -18.86 -20.90 10.08
N THR A 502 -17.93 -20.57 9.21
CA THR A 502 -18.14 -20.71 7.78
C THR A 502 -16.87 -21.20 7.16
N PRO A 503 -16.74 -22.53 7.00
CA PRO A 503 -15.55 -23.20 6.42
C PRO A 503 -15.46 -22.80 4.97
N TYR A 504 -14.26 -22.80 4.43
CA TYR A 504 -14.12 -22.40 3.04
C TYR A 504 -12.77 -22.80 2.48
N PHE A 505 -12.74 -22.87 1.16
CA PHE A 505 -11.49 -23.17 0.49
C PHE A 505 -11.72 -22.65 -0.93
N SER A 506 -10.61 -22.43 -1.65
CA SER A 506 -10.66 -21.90 -3.02
C SER A 506 -9.36 -21.94 -3.82
N TYR A 507 -9.55 -21.94 -5.13
CA TYR A 507 -8.47 -21.96 -6.07
C TYR A 507 -8.58 -20.69 -6.88
N SER A 508 -7.46 -19.96 -6.97
CA SER A 508 -7.44 -18.72 -7.71
C SER A 508 -6.19 -18.53 -8.59
N GLU A 509 -6.29 -17.68 -9.64
CA GLU A 509 -5.17 -17.38 -10.53
C GLU A 509 -5.03 -15.87 -10.79
N SER A 510 -3.82 -15.48 -11.18
CA SER A 510 -3.47 -14.07 -11.48
C SER A 510 -2.50 -14.08 -12.65
N PHE A 511 -2.17 -12.89 -13.13
CA PHE A 511 -1.26 -12.73 -14.25
C PHE A 511 -0.72 -11.29 -14.28
N GLU A 512 0.58 -11.13 -14.56
CA GLU A 512 1.19 -9.81 -14.60
C GLU A 512 2.24 -9.68 -15.70
N PRO A 513 1.96 -8.83 -16.75
CA PRO A 513 2.90 -8.61 -17.84
C PRO A 513 4.28 -8.03 -17.43
N SER A 514 5.26 -8.22 -18.29
CA SER A 514 6.58 -7.66 -18.05
C SER A 514 6.76 -6.45 -18.98
N SER A 515 7.52 -5.47 -18.53
CA SER A 515 7.77 -4.30 -19.35
C SER A 515 9.19 -4.44 -19.74
N GLN A 516 9.79 -5.57 -19.40
CA GLN A 516 11.20 -5.81 -19.67
C GLN A 516 11.42 -6.43 -21.02
N VAL A 517 12.59 -6.14 -21.58
CA VAL A 517 12.93 -6.65 -22.88
C VAL A 517 14.04 -7.73 -22.78
N GLY A 518 13.81 -8.81 -23.53
CA GLY A 518 14.75 -9.91 -23.57
C GLY A 518 15.97 -9.63 -24.44
N LYS A 519 16.83 -10.64 -24.60
CA LYS A 519 18.01 -10.46 -25.42
C LYS A 519 17.53 -10.42 -26.85
N ASP A 520 16.40 -11.08 -27.09
CA ASP A 520 15.80 -11.11 -28.41
C ASP A 520 15.01 -9.84 -28.67
N GLY A 521 15.48 -8.72 -28.10
CA GLY A 521 14.79 -7.44 -28.25
C GLY A 521 13.26 -7.50 -28.16
N ASN A 522 12.72 -8.38 -27.30
CA ASN A 522 11.27 -8.55 -27.12
C ASN A 522 10.79 -8.51 -25.68
N ILE A 523 9.59 -7.97 -25.50
CA ILE A 523 9.01 -7.86 -24.19
C ILE A 523 8.73 -9.27 -23.68
N PHE A 524 9.24 -9.60 -22.50
CA PHE A 524 9.01 -10.94 -21.93
C PHE A 524 7.53 -11.23 -21.77
N ALA A 525 7.16 -12.49 -21.88
CA ALA A 525 5.78 -12.87 -21.71
C ALA A 525 5.54 -12.72 -20.21
N PRO A 526 4.28 -12.40 -19.82
CA PRO A 526 3.87 -12.19 -18.42
C PRO A 526 4.12 -13.34 -17.45
N SER A 527 4.17 -13.03 -16.15
CA SER A 527 4.38 -14.06 -15.13
C SER A 527 3.03 -14.37 -14.59
N LYS A 528 2.88 -15.52 -13.98
CA LYS A 528 1.58 -15.89 -13.47
C LYS A 528 1.52 -16.19 -11.99
N GLY A 529 0.29 -16.40 -11.54
CA GLY A 529 0.03 -16.70 -10.15
C GLY A 529 -1.04 -17.78 -9.98
N LYS A 530 -0.71 -18.80 -9.17
CA LYS A 530 -1.61 -19.86 -8.87
C LYS A 530 -1.55 -19.98 -7.35
N GLN A 531 -2.72 -19.94 -6.70
CA GLN A 531 -2.80 -20.09 -5.24
C GLN A 531 -3.91 -21.04 -4.77
N TYR A 532 -3.52 -21.92 -3.84
CA TYR A 532 -4.44 -22.89 -3.25
C TYR A 532 -4.63 -22.37 -1.85
N GLU A 533 -5.90 -22.22 -1.45
CA GLU A 533 -6.16 -21.74 -0.10
C GLU A 533 -7.41 -22.30 0.53
N VAL A 534 -7.31 -22.54 1.83
CA VAL A 534 -8.42 -23.03 2.62
C VAL A 534 -8.43 -22.28 3.94
N GLY A 535 -9.60 -22.16 4.54
CA GLY A 535 -9.69 -21.48 5.81
C GLY A 535 -11.06 -21.53 6.43
N VAL A 536 -11.19 -20.87 7.58
CA VAL A 536 -12.45 -20.77 8.32
C VAL A 536 -12.79 -19.28 8.65
N LYS A 537 -14.07 -18.95 8.59
CA LYS A 537 -14.49 -17.60 8.88
C LYS A 537 -15.55 -17.65 9.97
N TYR A 538 -15.25 -17.09 11.12
CA TYR A 538 -16.26 -17.06 12.16
C TYR A 538 -16.91 -15.70 12.09
N VAL A 539 -18.17 -15.72 11.71
CA VAL A 539 -18.92 -14.50 11.61
C VAL A 539 -20.28 -14.65 12.24
N PRO A 540 -20.33 -14.70 13.59
CA PRO A 540 -21.59 -14.84 14.34
C PRO A 540 -22.46 -13.60 14.11
N GLU A 541 -23.76 -13.85 13.88
CA GLU A 541 -24.75 -12.79 13.60
C GLU A 541 -25.19 -11.99 14.83
N ASP A 542 -25.05 -12.58 16.01
CA ASP A 542 -25.39 -11.87 17.23
C ASP A 542 -24.33 -10.79 17.57
N ARG A 543 -23.15 -11.24 18.03
CA ARG A 543 -22.05 -10.34 18.41
C ARG A 543 -21.32 -9.72 17.22
N PRO A 544 -20.67 -8.57 17.45
CA PRO A 544 -19.90 -7.81 16.45
C PRO A 544 -18.42 -8.22 16.51
N ILE A 545 -18.16 -9.48 16.21
CA ILE A 545 -16.81 -9.98 16.21
C ILE A 545 -16.58 -10.88 15.00
N VAL A 546 -15.41 -10.75 14.40
CA VAL A 546 -15.05 -11.54 13.24
C VAL A 546 -13.72 -12.23 13.44
N VAL A 547 -13.66 -13.47 13.05
CA VAL A 547 -12.39 -14.18 13.16
C VAL A 547 -12.16 -15.00 11.92
N THR A 548 -10.98 -14.83 11.35
CA THR A 548 -10.67 -15.56 10.17
C THR A 548 -9.30 -16.17 10.32
N GLY A 549 -9.20 -17.38 9.78
CA GLY A 549 -7.95 -18.09 9.77
C GLY A 549 -7.85 -18.62 8.35
N ALA A 550 -6.65 -18.82 7.84
CA ALA A 550 -6.48 -19.33 6.48
C ALA A 550 -5.06 -19.72 6.29
N VAL A 551 -4.86 -20.72 5.45
CA VAL A 551 -3.54 -21.22 5.13
C VAL A 551 -3.56 -21.44 3.62
N TYR A 552 -2.44 -21.07 3.00
CA TYR A 552 -2.33 -21.13 1.53
C TYR A 552 -0.98 -21.61 1.01
N ASN A 553 -1.01 -21.87 -0.30
CA ASN A 553 0.19 -22.22 -1.03
C ASN A 553 0.12 -21.38 -2.32
N LEU A 554 0.86 -20.26 -2.35
CA LEU A 554 0.87 -19.35 -3.49
C LEU A 554 2.12 -19.47 -4.34
N THR A 555 1.93 -19.51 -5.67
CA THR A 555 3.07 -19.68 -6.60
C THR A 555 3.12 -18.74 -7.79
N LYS A 556 4.29 -18.14 -8.01
CA LYS A 556 4.56 -17.20 -9.12
C LYS A 556 5.40 -17.85 -10.22
N THR A 557 4.85 -17.94 -11.43
CA THR A 557 5.55 -18.59 -12.55
C THR A 557 6.15 -17.62 -13.53
N ASN A 558 7.12 -18.16 -14.27
CA ASN A 558 7.78 -17.41 -15.31
C ASN A 558 8.31 -16.14 -14.76
N ASN A 559 8.92 -16.20 -13.60
CA ASN A 559 9.52 -15.00 -13.03
C ASN A 559 10.85 -14.78 -13.76
N LEU A 560 11.30 -13.54 -13.85
CA LEU A 560 12.55 -13.29 -14.53
C LEU A 560 13.74 -13.63 -13.65
N MET A 561 14.76 -14.28 -14.23
CA MET A 561 15.97 -14.66 -13.51
C MET A 561 17.24 -14.38 -14.33
N ALA A 562 18.36 -14.22 -13.64
CA ALA A 562 19.65 -13.94 -14.27
C ALA A 562 19.91 -14.87 -15.42
N ASP A 563 20.47 -14.33 -16.50
CA ASP A 563 20.77 -15.17 -17.65
C ASP A 563 21.79 -16.24 -17.27
N PRO A 564 21.51 -17.51 -17.56
CA PRO A 564 22.46 -18.58 -17.23
C PRO A 564 23.87 -18.35 -17.81
N GLU A 565 23.95 -17.60 -18.91
CA GLU A 565 25.22 -17.30 -19.57
C GLU A 565 25.75 -15.96 -19.09
N GLY A 566 24.94 -15.28 -18.27
CA GLY A 566 25.33 -13.97 -17.75
C GLY A 566 25.53 -12.96 -18.87
N SER A 567 24.53 -12.12 -19.12
CA SER A 567 24.62 -11.14 -20.20
C SER A 567 23.77 -9.90 -20.08
N PHE A 568 23.80 -9.22 -18.94
CA PHE A 568 23.00 -8.00 -18.76
C PHE A 568 21.48 -8.21 -18.99
N PHE A 569 21.10 -9.18 -19.81
CA PHE A 569 19.70 -9.48 -20.07
C PHE A 569 19.27 -10.60 -19.13
N SER A 570 18.05 -10.49 -18.60
CA SER A 570 17.56 -11.53 -17.71
C SER A 570 16.78 -12.57 -18.52
N VAL A 571 16.74 -13.80 -18.03
CA VAL A 571 16.05 -14.86 -18.71
C VAL A 571 14.84 -15.36 -17.95
N GLU A 572 13.67 -15.34 -18.59
CA GLU A 572 12.46 -15.81 -17.91
C GLU A 572 12.46 -17.32 -17.67
N GLY A 573 11.51 -17.77 -16.84
CA GLY A 573 11.42 -19.18 -16.51
C GLY A 573 11.43 -19.44 -15.00
N GLY A 574 12.10 -18.56 -14.24
CA GLY A 574 12.15 -18.73 -12.80
C GLY A 574 10.79 -18.90 -12.14
N GLU A 575 10.81 -19.46 -10.95
CA GLU A 575 9.58 -19.67 -10.25
C GLU A 575 9.80 -19.43 -8.79
N ILE A 576 8.74 -19.03 -8.08
CA ILE A 576 8.77 -18.76 -6.63
C ILE A 576 7.51 -19.25 -5.93
N ARG A 577 7.65 -19.83 -4.75
CA ARG A 577 6.51 -20.30 -3.98
C ARG A 577 6.38 -19.52 -2.67
N ALA A 578 5.12 -19.27 -2.31
CA ALA A 578 4.79 -18.59 -1.08
C ALA A 578 3.73 -19.35 -0.31
N ARG A 579 4.18 -20.11 0.68
CA ARG A 579 3.24 -20.84 1.50
C ARG A 579 3.20 -20.27 2.91
N GLY A 580 1.99 -20.19 3.46
CA GLY A 580 1.87 -19.65 4.78
C GLY A 580 0.48 -19.75 5.36
N VAL A 581 0.38 -19.24 6.58
CA VAL A 581 -0.85 -19.22 7.35
C VAL A 581 -1.10 -17.82 7.92
N GLU A 582 -2.36 -17.42 7.91
CA GLU A 582 -2.74 -16.11 8.39
C GLU A 582 -4.00 -16.18 9.22
N ILE A 583 -3.98 -15.43 10.30
CA ILE A 583 -5.13 -15.35 11.16
C ILE A 583 -5.25 -13.91 11.64
N GLU A 584 -6.48 -13.45 11.72
CA GLU A 584 -6.69 -12.12 12.17
C GLU A 584 -7.98 -12.15 12.95
N ALA A 585 -8.12 -11.18 13.85
CA ALA A 585 -9.34 -11.05 14.62
C ALA A 585 -9.61 -9.61 15.07
N LYS A 586 -10.87 -9.23 14.98
CA LYS A 586 -11.32 -7.90 15.35
C LYS A 586 -12.66 -8.12 16.02
N ALA A 587 -12.86 -7.47 17.17
CA ALA A 587 -14.10 -7.59 17.92
C ALA A 587 -14.53 -6.36 18.70
N ALA A 588 -15.69 -6.52 19.33
CA ALA A 588 -16.28 -5.50 20.16
C ALA A 588 -16.73 -6.31 21.37
N LEU A 589 -15.75 -6.83 22.14
CA LEU A 589 -15.97 -7.63 23.37
C LEU A 589 -16.86 -6.99 24.49
N SER A 590 -17.18 -5.70 24.31
CA SER A 590 -17.98 -4.89 25.25
C SER A 590 -18.17 -3.51 24.60
N ALA A 591 -19.13 -2.73 25.10
CA ALA A 591 -19.33 -1.39 24.56
C ALA A 591 -18.16 -0.53 25.10
N SER A 592 -17.27 -1.19 25.83
CA SER A 592 -16.10 -0.58 26.42
C SER A 592 -14.78 -1.26 25.97
N VAL A 593 -14.87 -2.54 25.58
CA VAL A 593 -13.71 -3.34 25.14
C VAL A 593 -13.70 -3.64 23.64
N ASN A 594 -12.59 -3.35 22.99
CA ASN A 594 -12.44 -3.56 21.56
C ASN A 594 -11.09 -4.20 21.27
N VAL A 595 -11.09 -5.27 20.48
CA VAL A 595 -9.84 -5.95 20.17
C VAL A 595 -9.49 -6.30 18.68
N VAL A 596 -8.21 -6.20 18.37
CA VAL A 596 -7.76 -6.55 17.05
C VAL A 596 -6.37 -7.14 17.11
N GLY A 597 -6.22 -8.25 16.39
CA GLY A 597 -4.95 -8.93 16.38
C GLY A 597 -4.81 -9.88 15.21
N SER A 598 -3.57 -10.28 14.92
CA SER A 598 -3.31 -11.16 13.82
C SER A 598 -1.96 -11.74 13.92
N TYR A 599 -1.81 -12.85 13.21
CA TYR A 599 -0.55 -13.57 13.18
C TYR A 599 -0.34 -14.01 11.72
N THR A 600 0.90 -13.82 11.24
CA THR A 600 1.22 -14.20 9.89
C THR A 600 2.44 -15.04 9.78
N TYR A 601 2.27 -16.17 9.09
CA TYR A 601 3.35 -17.12 8.84
C TYR A 601 3.57 -17.11 7.36
N THR A 602 4.76 -16.67 6.96
CA THR A 602 5.04 -16.54 5.55
C THR A 602 6.32 -17.22 5.16
N ASP A 603 6.22 -18.23 4.30
CA ASP A 603 7.39 -18.96 3.82
C ASP A 603 7.51 -18.80 2.30
N ALA A 604 8.36 -17.85 1.88
CA ALA A 604 8.59 -17.51 0.46
C ALA A 604 9.89 -18.11 -0.02
N GLU A 605 9.85 -18.78 -1.18
CA GLU A 605 11.07 -19.40 -1.71
C GLU A 605 11.24 -19.53 -3.20
N TYR A 606 12.47 -19.42 -3.61
CA TYR A 606 12.79 -19.53 -5.00
C TYR A 606 12.83 -21.01 -5.37
N THR A 607 11.87 -21.49 -6.14
CA THR A 607 11.87 -22.87 -6.60
C THR A 607 12.90 -23.04 -7.71
N THR A 608 12.99 -22.05 -8.60
CA THR A 608 13.91 -22.07 -9.72
C THR A 608 14.46 -20.71 -9.99
N ASP A 609 15.78 -20.62 -10.18
CA ASP A 609 16.39 -19.34 -10.42
C ASP A 609 17.91 -19.47 -10.58
N THR A 610 18.45 -18.87 -11.64
CA THR A 610 19.87 -18.93 -11.94
C THR A 610 20.66 -18.68 -10.68
N THR A 611 20.59 -17.46 -10.15
CA THR A 611 21.33 -17.13 -8.95
C THR A 611 20.60 -17.75 -7.78
N TYR A 612 19.98 -16.89 -6.97
CA TYR A 612 19.21 -17.30 -5.78
C TYR A 612 18.38 -18.53 -6.03
N LYS A 613 18.17 -19.34 -5.00
CA LYS A 613 17.35 -20.52 -5.12
C LYS A 613 17.17 -20.98 -3.72
N GLY A 614 15.94 -21.23 -3.31
CA GLY A 614 15.74 -21.64 -1.94
C GLY A 614 16.04 -20.48 -1.00
N ASN A 615 16.33 -19.31 -1.55
CA ASN A 615 16.63 -18.16 -0.73
C ASN A 615 15.35 -17.47 -0.51
N THR A 616 15.25 -16.68 0.56
CA THR A 616 14.03 -15.93 0.83
C THR A 616 14.22 -14.55 0.23
N PRO A 617 13.13 -13.98 -0.33
CA PRO A 617 13.14 -12.68 -0.94
C PRO A 617 13.38 -11.66 0.14
N ALA A 618 14.19 -10.66 -0.13
CA ALA A 618 14.41 -9.68 0.91
C ALA A 618 13.11 -9.04 1.30
N GLN A 619 13.18 -8.29 2.38
CA GLN A 619 12.04 -7.53 2.87
C GLN A 619 10.77 -8.27 3.26
N VAL A 620 10.84 -9.61 3.35
CA VAL A 620 9.68 -10.40 3.79
C VAL A 620 10.06 -11.32 4.93
N PRO A 621 9.58 -11.01 6.14
CA PRO A 621 9.85 -11.80 7.33
C PRO A 621 9.00 -13.03 7.37
N LYS A 622 9.50 -14.07 8.02
CA LYS A 622 8.75 -15.31 8.19
C LYS A 622 7.60 -15.13 9.19
N HIS A 623 7.89 -14.44 10.28
CA HIS A 623 6.88 -14.19 11.27
C HIS A 623 6.46 -12.76 11.43
N MET A 624 5.15 -12.58 11.59
CA MET A 624 4.57 -11.28 11.80
C MET A 624 3.31 -11.46 12.61
N ALA A 625 3.13 -10.56 13.58
CA ALA A 625 1.94 -10.65 14.42
C ALA A 625 1.66 -9.30 15.05
N SER A 626 0.39 -9.07 15.37
CA SER A 626 0.02 -7.81 15.94
C SER A 626 -1.21 -8.00 16.78
N LEU A 627 -1.31 -7.20 17.84
CA LEU A 627 -2.44 -7.28 18.75
C LEU A 627 -2.68 -5.87 19.23
N TRP A 628 -3.96 -5.47 19.31
CA TRP A 628 -4.28 -4.15 19.83
C TRP A 628 -5.67 -4.14 20.39
N ALA A 629 -5.83 -3.55 21.58
CA ALA A 629 -7.12 -3.44 22.25
C ALA A 629 -7.30 -2.09 22.98
N ASP A 630 -8.54 -1.60 23.02
CA ASP A 630 -8.83 -0.35 23.68
C ASP A 630 -9.91 -0.52 24.70
N TYR A 631 -10.00 0.43 25.62
CA TYR A 631 -11.03 0.39 26.64
C TYR A 631 -11.54 1.82 26.86
N THR A 632 -12.86 1.93 26.96
CA THR A 632 -13.52 3.21 27.24
C THR A 632 -14.37 3.08 28.51
N PHE A 633 -14.22 4.05 29.40
CA PHE A 633 -14.97 3.99 30.62
C PHE A 633 -16.22 4.76 30.42
N PHE A 634 -17.33 4.14 30.78
CA PHE A 634 -18.65 4.77 30.67
C PHE A 634 -19.25 4.94 32.10
N ASP A 635 -18.44 4.74 33.14
CA ASP A 635 -18.96 4.84 34.49
C ASP A 635 -18.13 5.66 35.48
N GLY A 636 -17.11 5.01 36.07
CA GLY A 636 -16.26 5.66 37.03
C GLY A 636 -15.98 7.12 36.66
N PRO A 637 -15.28 7.86 37.55
CA PRO A 637 -14.95 9.28 37.28
C PRO A 637 -14.14 9.49 35.97
N LEU A 638 -13.82 8.36 35.33
CA LEU A 638 -13.04 8.30 34.07
C LEU A 638 -14.00 8.03 32.91
N SER A 639 -15.17 8.65 32.98
CA SER A 639 -16.20 8.48 31.96
C SER A 639 -15.77 9.21 30.69
N GLY A 640 -16.05 8.57 29.54
CA GLY A 640 -15.68 9.15 28.24
C GLY A 640 -14.18 9.07 28.00
N LEU A 641 -13.55 8.09 28.65
CA LEU A 641 -12.11 7.90 28.54
C LEU A 641 -11.75 6.55 27.96
N THR A 642 -11.05 6.56 26.83
CA THR A 642 -10.54 5.33 26.20
C THR A 642 -9.03 5.29 26.35
N LEU A 643 -8.57 4.11 26.76
CA LEU A 643 -7.15 3.88 26.95
C LEU A 643 -6.83 2.65 26.12
N GLY A 644 -6.06 2.85 25.07
CA GLY A 644 -5.76 1.70 24.23
C GLY A 644 -4.27 1.60 23.98
N THR A 645 -3.87 0.39 23.61
CA THR A 645 -2.48 0.12 23.30
C THR A 645 -2.39 -1.18 22.51
N GLY A 646 -1.27 -1.38 21.82
CA GLY A 646 -1.07 -2.59 21.04
C GLY A 646 0.39 -2.73 20.64
N GLY A 647 0.66 -3.75 19.82
CA GLY A 647 2.02 -3.99 19.37
C GLY A 647 2.10 -4.77 18.08
N ARG A 648 3.11 -4.42 17.29
CA ARG A 648 3.30 -5.05 16.01
C ARG A 648 4.68 -5.68 16.09
N TYR A 649 4.78 -6.92 15.63
CA TYR A 649 6.04 -7.66 15.61
C TYR A 649 6.36 -8.12 14.18
N THR A 650 7.60 -7.86 13.81
CA THR A 650 8.12 -8.28 12.53
C THR A 650 9.37 -9.07 12.85
N GLY A 651 9.40 -10.33 12.36
CA GLY A 651 10.55 -11.22 12.53
C GLY A 651 11.77 -10.86 11.69
N SER A 652 12.84 -11.63 11.80
CA SER A 652 14.05 -11.34 11.01
C SER A 652 13.72 -11.53 9.51
N SER A 653 14.45 -10.82 8.66
CA SER A 653 14.22 -10.90 7.26
C SER A 653 15.56 -10.74 6.60
N TYR A 654 15.69 -11.33 5.43
CA TYR A 654 16.92 -11.20 4.68
C TYR A 654 16.93 -9.79 4.04
N GLY A 655 18.09 -9.10 4.10
CA GLY A 655 18.23 -7.77 3.54
C GLY A 655 18.86 -7.71 2.16
N ASP A 656 18.69 -8.75 1.35
CA ASP A 656 19.24 -8.74 -0.01
C ASP A 656 18.98 -10.09 -0.61
N PRO A 657 18.85 -10.15 -1.92
CA PRO A 657 18.55 -11.36 -2.70
C PRO A 657 19.43 -12.51 -2.46
N ALA A 658 20.73 -12.24 -2.32
CA ALA A 658 21.73 -13.30 -2.04
C ALA A 658 21.61 -13.82 -0.59
N ASN A 659 20.82 -13.11 0.23
CA ASN A 659 20.68 -13.47 1.62
C ASN A 659 22.03 -13.30 2.33
N SER A 660 22.79 -12.30 1.88
CA SER A 660 24.11 -11.98 2.44
C SER A 660 23.98 -11.77 3.91
N PHE A 661 23.02 -10.97 4.34
CA PHE A 661 22.83 -10.73 5.74
C PHE A 661 21.37 -10.77 6.09
N LYS A 662 21.05 -10.46 7.34
CA LYS A 662 19.67 -10.46 7.80
C LYS A 662 19.35 -9.23 8.61
N VAL A 663 18.12 -8.75 8.46
CA VAL A 663 17.68 -7.59 9.19
C VAL A 663 16.99 -8.17 10.40
N GLY A 664 17.41 -7.66 11.56
CA GLY A 664 16.92 -8.15 12.83
C GLY A 664 15.51 -7.81 13.23
N SER A 665 14.76 -8.83 13.66
CA SER A 665 13.37 -8.68 14.11
C SER A 665 13.21 -7.58 15.16
N TYR A 666 11.99 -7.04 15.27
CA TYR A 666 11.71 -5.94 16.21
C TYR A 666 10.26 -5.94 16.62
N THR A 667 9.93 -5.18 17.68
CA THR A 667 8.53 -5.04 18.19
C THR A 667 8.27 -3.62 18.70
N VAL A 668 7.31 -2.96 18.07
CA VAL A 668 7.01 -1.61 18.41
C VAL A 668 5.65 -1.55 19.05
N VAL A 669 5.56 -0.72 20.08
CA VAL A 669 4.35 -0.53 20.83
C VAL A 669 3.59 0.73 20.48
N ASP A 670 2.26 0.59 20.49
CA ASP A 670 1.37 1.70 20.21
C ASP A 670 0.40 1.86 21.35
N ALA A 671 0.04 3.09 21.67
CA ALA A 671 -0.93 3.30 22.71
C ALA A 671 -1.67 4.62 22.50
N LEU A 672 -2.86 4.77 23.08
CA LEU A 672 -3.58 6.03 22.94
C LEU A 672 -4.55 6.26 24.09
N VAL A 673 -4.99 7.51 24.18
CA VAL A 673 -5.95 7.94 25.18
C VAL A 673 -6.84 9.04 24.57
N ARG A 674 -8.16 8.78 24.60
CA ARG A 674 -9.15 9.77 24.11
C ARG A 674 -10.13 10.14 25.24
N TYR A 675 -10.61 11.37 25.18
CA TYR A 675 -11.56 11.83 26.17
C TYR A 675 -12.72 12.53 25.51
N ASP A 676 -13.88 11.86 25.53
CA ASP A 676 -15.09 12.41 24.94
C ASP A 676 -15.42 13.83 25.48
N LEU A 677 -15.22 14.85 24.66
CA LEU A 677 -15.49 16.24 25.03
C LEU A 677 -16.95 16.59 25.33
N ALA A 678 -17.83 15.60 25.29
CA ALA A 678 -19.25 15.83 25.57
C ALA A 678 -19.41 16.58 26.92
N ARG A 679 -18.59 16.15 27.89
CA ARG A 679 -18.59 16.74 29.22
C ARG A 679 -18.24 18.22 29.25
N VAL A 680 -18.39 18.91 28.13
CA VAL A 680 -18.13 20.36 28.10
C VAL A 680 -19.05 20.89 27.01
N GLY A 681 -20.21 20.25 26.91
CA GLY A 681 -21.21 20.66 25.94
C GLY A 681 -20.82 20.40 24.50
N MET A 682 -20.11 19.29 24.29
CA MET A 682 -19.68 18.95 22.95
C MET A 682 -19.67 17.47 22.75
N ALA A 683 -20.84 16.90 22.59
CA ALA A 683 -20.91 15.47 22.34
C ALA A 683 -20.33 15.24 20.94
N GLY A 684 -19.97 13.99 20.67
CA GLY A 684 -19.41 13.61 19.37
C GLY A 684 -18.01 14.14 19.13
N SER A 685 -17.54 15.04 19.99
CA SER A 685 -16.21 15.59 19.84
C SER A 685 -15.31 14.88 20.79
N ASN A 686 -14.03 15.17 20.71
CA ASN A 686 -13.05 14.54 21.59
C ASN A 686 -11.62 15.00 21.32
N VAL A 687 -10.72 14.68 22.25
CA VAL A 687 -9.32 15.00 22.12
C VAL A 687 -8.59 13.71 22.35
N ALA A 688 -7.54 13.47 21.59
CA ALA A 688 -6.81 12.21 21.75
C ALA A 688 -5.28 12.32 21.60
N LEU A 689 -4.58 11.41 22.28
CA LEU A 689 -3.15 11.37 22.21
C LEU A 689 -2.69 10.00 21.73
N HIS A 690 -1.88 10.02 20.66
CA HIS A 690 -1.38 8.78 20.06
C HIS A 690 0.14 8.73 20.09
N VAL A 691 0.67 7.56 20.41
CA VAL A 691 2.11 7.43 20.50
C VAL A 691 2.50 6.17 19.80
N ASN A 692 3.50 6.30 18.92
CA ASN A 692 4.01 5.13 18.23
C ASN A 692 5.47 4.84 18.51
N ASN A 693 5.76 3.55 18.67
CA ASN A 693 7.10 3.11 18.99
C ASN A 693 7.34 3.76 20.33
N LEU A 694 6.37 3.56 21.22
CA LEU A 694 6.37 4.10 22.58
C LEU A 694 7.76 4.12 23.20
N PHE A 695 8.42 2.97 23.18
CA PHE A 695 9.79 2.87 23.71
C PHE A 695 10.78 3.34 22.65
N ASP A 696 10.52 4.52 22.05
CA ASP A 696 11.36 5.10 21.01
C ASP A 696 12.46 4.16 20.62
N ARG A 697 12.08 2.99 20.11
CA ARG A 697 13.02 1.97 19.69
C ARG A 697 13.76 2.40 18.44
N GLU A 698 14.85 1.67 18.20
CA GLU A 698 15.73 1.87 17.04
C GLU A 698 15.83 0.58 16.22
N TYR A 699 15.13 0.52 15.10
CA TYR A 699 15.22 -0.68 14.32
C TYR A 699 15.47 -0.41 12.88
N VAL A 700 15.78 -1.46 12.15
CA VAL A 700 16.00 -1.29 10.75
C VAL A 700 14.84 -2.05 10.17
N ALA A 701 13.88 -1.29 9.60
CA ALA A 701 12.67 -1.80 8.97
C ALA A 701 13.00 -2.97 8.08
N SER A 702 14.01 -2.77 7.21
CA SER A 702 14.48 -3.76 6.26
C SER A 702 15.50 -3.19 5.30
N CYS A 703 15.99 -4.11 4.47
CA CYS A 703 16.91 -3.70 3.45
C CYS A 703 16.42 -4.47 2.24
N PHE A 704 16.60 -3.92 1.03
CA PHE A 704 16.19 -4.62 -0.19
C PHE A 704 17.48 -5.01 -0.88
N ASN A 705 18.57 -4.56 -0.28
CA ASN A 705 19.92 -4.86 -0.71
C ASN A 705 20.96 -4.32 0.28
N THR A 706 22.22 -4.70 0.08
CA THR A 706 23.35 -4.26 0.97
C THR A 706 23.56 -2.76 1.06
N TYR A 707 23.09 -2.05 0.05
CA TYR A 707 23.20 -0.61 -0.01
C TYR A 707 21.87 0.08 0.18
N GLY A 708 20.83 -0.72 0.52
CA GLY A 708 19.49 -0.19 0.72
C GLY A 708 18.76 -0.64 1.94
N CYS A 709 19.00 0.02 3.09
CA CYS A 709 18.37 -0.33 4.39
C CYS A 709 17.64 0.88 4.85
N PHE A 710 16.62 0.69 5.67
CA PHE A 710 15.83 1.83 6.10
C PHE A 710 15.58 1.82 7.57
N TRP A 711 15.92 2.92 8.22
CA TRP A 711 15.72 3.04 9.66
C TRP A 711 14.26 3.05 9.91
N GLY A 712 13.83 2.30 10.91
CA GLY A 712 12.41 2.28 11.25
C GLY A 712 11.98 3.68 11.72
N ALA A 713 10.69 3.84 11.96
CA ALA A 713 10.18 5.12 12.43
C ALA A 713 10.44 5.32 13.96
N GLU A 714 11.15 6.40 14.28
CA GLU A 714 11.45 6.72 15.65
C GLU A 714 10.23 7.28 16.37
N ARG A 715 9.90 6.68 17.52
CA ARG A 715 8.76 7.07 18.32
C ARG A 715 8.22 8.46 17.96
N GLN A 716 6.91 8.44 17.71
CA GLN A 716 6.14 9.62 17.38
C GLN A 716 4.95 9.77 18.33
N VAL A 717 4.62 11.03 18.59
CA VAL A 717 3.49 11.41 19.44
C VAL A 717 2.64 12.50 18.78
N VAL A 718 1.33 12.24 18.68
CA VAL A 718 0.39 13.19 18.09
C VAL A 718 -0.73 13.56 19.01
N ALA A 719 -1.04 14.86 19.00
CA ALA A 719 -2.12 15.40 19.79
C ALA A 719 -3.22 15.81 18.83
N THR A 720 -4.32 15.06 18.82
CA THR A 720 -5.42 15.37 17.91
C THR A 720 -6.70 15.84 18.63
N ALA A 721 -7.31 16.84 18.05
CA ALA A 721 -8.54 17.37 18.58
C ALA A 721 -9.44 17.35 17.35
N THR A 722 -10.57 16.68 17.47
CA THR A 722 -11.50 16.61 16.37
C THR A 722 -12.89 17.03 16.85
N PHE A 723 -13.49 18.01 16.20
CA PHE A 723 -14.81 18.51 16.58
C PHE A 723 -15.98 18.11 15.67
N ARG A 724 -17.14 17.93 16.27
CA ARG A 724 -18.35 17.55 15.54
C ARG A 724 -19.49 18.56 15.81
N PHE A 725 -19.87 19.32 14.80
CA PHE A 725 -20.93 20.32 14.96
C PHE A 725 -22.28 19.76 14.46
#